data_6TR4
#
_entry.id   6TR4
#
_cell.length_a   49.780
_cell.length_b   74.060
_cell.length_c   76.509
_cell.angle_alpha   82.470
_cell.angle_beta   80.430
_cell.angle_gamma   70.410
#
_symmetry.space_group_name_H-M   'P 1'
#
loop_
_entity.id
_entity.type
_entity.pdbx_description
1 polymer 'F5/8 type C domain-containing protein'
2 non-polymer beta-L-fucopyranose
3 non-polymer alpha-L-fucopyranose
4 non-polymer 'MAGNESIUM ION'
5 non-polymer 'CALCIUM ION'
6 non-polymer 'CHLORIDE ION'
7 water water
#
_entity_poly.entity_id   1
_entity_poly.type   'polypeptide(L)'
_entity_poly.pdbx_seq_one_letter_code
;GPMETTNWIGDENLTGNAEAPAKDDVVPDKNQFRYQKEELAAFCHFGPNTFNEIEWGEHYGNQKPSEIFTLKNDFDAETL
VKTLKDAGFKKLIVTAKHHDGFCIWDSEHTEYDVKASGYKNKNGESDILAEISKACTDQNMDMGLYLSPWDIHEPSYGYK
DEHGNPTTPDKDAKDYNEFYNNQLEEILGNPKYGNDGHFVEVWMAGAKGSGANAQEYDFKKWFKTIQDNEGKAAGYDADC
MLFGAEAYTTVRWIGNELGIAGKDTWSKSKVDKDKNTINSNKQGNATVGFEDGDQWTVPEADARITSGWFWGTKKNTPKT
MEELSDMYFNSVGHNATLLLNVPPNNQGTVDKAILDRVTEFGNNIKATFKTNLAKAEGASVKVSEVRGGAKEYKPGNMID
DNDETYWATSDGKKSGEILIDLGKETKFDVVSIEEAIQNGQRINNYKVEYRNGDSGTWTLLEEGKTIGAKRLCRTSETTA
RQIKITVGTCDGKVPMISEIGVYKSTEDMEKPNPIPKGMEVIDVEDKDVADGKGFTFKGKWNPENQPQYING
;
_entity_poly.pdbx_strand_id   A,B
#
loop_
_chem_comp.id
_chem_comp.type
_chem_comp.name
_chem_comp.formula
CA non-polymer 'CALCIUM ION' 'Ca 2'
CL non-polymer 'CHLORIDE ION' 'Cl -1'
FUC L-saccharide, alpha linking alpha-L-fucopyranose 'C6 H12 O5'
FUL L-saccharide, beta linking beta-L-fucopyranose 'C6 H12 O5'
MG non-polymer 'MAGNESIUM ION' 'Mg 2'
#
# COMPACT_ATOMS: atom_id res chain seq x y z
N ASN A 7 -12.05 8.83 -20.44
CA ASN A 7 -10.84 7.95 -20.64
C ASN A 7 -9.84 8.19 -19.51
N TRP A 8 -9.83 7.26 -18.57
CA TRP A 8 -9.07 7.41 -17.31
C TRP A 8 -7.64 6.96 -17.54
N ILE A 9 -6.69 7.66 -16.92
N ILE A 9 -6.69 7.66 -16.91
CA ILE A 9 -5.23 7.43 -17.09
CA ILE A 9 -5.23 7.42 -17.09
C ILE A 9 -4.69 6.74 -15.84
C ILE A 9 -4.68 6.74 -15.83
N GLY A 10 -4.03 5.59 -16.00
CA GLY A 10 -3.37 4.88 -14.90
C GLY A 10 -1.87 5.11 -14.91
N ASP A 11 -1.13 4.22 -14.28
CA ASP A 11 0.33 4.33 -14.07
C ASP A 11 1.15 3.83 -15.28
N GLU A 12 0.51 3.08 -16.19
N GLU A 12 0.54 3.05 -16.17
CA GLU A 12 1.24 2.23 -17.18
CA GLU A 12 1.34 2.22 -17.12
C GLU A 12 1.70 3.10 -18.36
C GLU A 12 1.71 3.06 -18.35
N ASN A 13 2.89 2.81 -18.91
CA ASN A 13 3.33 3.36 -20.23
C ASN A 13 3.38 4.89 -20.19
N LEU A 14 3.72 5.49 -19.04
CA LEU A 14 3.97 6.95 -18.94
C LEU A 14 5.44 7.20 -19.27
N THR A 15 5.70 7.84 -20.41
CA THR A 15 7.08 8.05 -20.93
C THR A 15 7.33 9.53 -21.23
N GLY A 16 6.44 10.41 -20.79
CA GLY A 16 6.54 11.85 -21.07
C GLY A 16 7.55 12.56 -20.19
N ASN A 17 7.70 13.85 -20.40
CA ASN A 17 8.62 14.73 -19.64
C ASN A 17 7.84 15.97 -19.25
N ALA A 18 8.15 16.52 -18.08
CA ALA A 18 7.57 17.78 -17.60
C ALA A 18 8.50 18.37 -16.54
N GLU A 19 8.52 19.70 -16.44
CA GLU A 19 9.13 20.41 -15.30
C GLU A 19 8.17 20.31 -14.11
N ALA A 20 8.69 20.37 -12.89
CA ALA A 20 7.85 20.45 -11.68
C ALA A 20 6.96 21.69 -11.80
N PRO A 21 5.72 21.61 -11.30
CA PRO A 21 4.90 22.80 -11.15
C PRO A 21 5.69 23.86 -10.39
N ALA A 22 5.49 25.13 -10.73
CA ALA A 22 6.03 26.25 -9.95
C ALA A 22 5.47 26.17 -8.53
N LYS A 23 6.31 26.40 -7.53
CA LYS A 23 5.83 26.51 -6.13
C LYS A 23 5.04 27.81 -5.98
N ASP A 24 4.12 27.86 -5.03
CA ASP A 24 3.51 29.13 -4.59
C ASP A 24 4.62 30.01 -4.00
N ASP A 25 4.37 31.32 -3.96
N ASP A 25 4.41 31.32 -3.93
CA ASP A 25 5.24 32.33 -3.29
CA ASP A 25 5.40 32.24 -3.31
C ASP A 25 5.36 32.01 -1.79
C ASP A 25 5.33 32.10 -1.77
N VAL A 26 4.26 31.54 -1.19
CA VAL A 26 4.17 31.33 0.27
C VAL A 26 4.08 29.83 0.52
N VAL A 27 5.07 29.29 1.20
CA VAL A 27 5.22 27.83 1.45
C VAL A 27 5.62 27.65 2.91
N PRO A 28 5.36 26.47 3.49
CA PRO A 28 5.78 26.19 4.86
C PRO A 28 7.30 26.00 4.89
N ASP A 29 7.91 26.41 6.02
CA ASP A 29 9.30 26.04 6.30
C ASP A 29 9.32 24.59 6.75
N LYS A 30 10.51 24.04 6.98
N LYS A 30 10.51 24.04 6.98
CA LYS A 30 10.63 22.58 7.23
CA LYS A 30 10.62 22.58 7.22
C LYS A 30 9.97 22.19 8.55
C LYS A 30 9.97 22.19 8.55
N ASN A 31 9.99 23.06 9.57
CA ASN A 31 9.30 22.76 10.85
C ASN A 31 7.79 22.80 10.63
N GLN A 32 7.29 23.80 9.91
CA GLN A 32 5.84 23.94 9.73
C GLN A 32 5.32 22.76 8.92
N PHE A 33 6.06 22.36 7.89
CA PHE A 33 5.63 21.20 7.06
C PHE A 33 5.63 19.95 7.94
N ARG A 34 6.68 19.69 8.68
CA ARG A 34 6.71 18.48 9.55
C ARG A 34 5.55 18.53 10.53
N TYR A 35 5.26 19.68 11.13
CA TYR A 35 4.18 19.78 12.12
C TYR A 35 2.84 19.44 11.46
N GLN A 36 2.56 20.05 10.32
CA GLN A 36 1.28 19.77 9.63
C GLN A 36 1.16 18.28 9.29
N LYS A 37 2.26 17.61 8.96
CA LYS A 37 2.17 16.16 8.62
C LYS A 37 2.15 15.30 9.90
N GLU A 38 2.63 15.80 11.04
CA GLU A 38 2.52 15.08 12.33
C GLU A 38 1.05 15.03 12.78
N GLU A 39 0.30 16.11 12.55
CA GLU A 39 -1.16 16.23 12.82
C GLU A 39 -1.49 16.35 14.32
N LEU A 40 -0.87 15.53 15.16
CA LEU A 40 -1.19 15.41 16.60
C LEU A 40 -0.02 15.89 17.44
N ALA A 41 -0.32 16.80 18.37
CA ALA A 41 0.61 17.24 19.42
C ALA A 41 -0.11 17.17 20.75
N ALA A 42 0.68 17.06 21.81
CA ALA A 42 0.13 17.02 23.18
C ALA A 42 0.57 18.24 23.96
N PHE A 43 -0.32 18.72 24.80
CA PHE A 43 -0.09 19.78 25.79
C PHE A 43 0.08 19.12 27.16
N CYS A 44 0.92 19.69 28.01
CA CYS A 44 1.10 19.24 29.40
C CYS A 44 1.05 20.48 30.28
N HIS A 45 -0.10 20.72 30.87
CA HIS A 45 -0.25 21.74 31.93
C HIS A 45 0.00 21.10 33.29
N PHE A 46 0.99 21.62 34.00
CA PHE A 46 1.41 21.10 35.32
C PHE A 46 2.09 22.23 36.07
N GLY A 47 1.73 22.37 37.34
CA GLY A 47 2.32 23.42 38.19
C GLY A 47 1.50 23.55 39.44
N PRO A 48 1.62 24.68 40.16
CA PRO A 48 0.85 24.84 41.40
C PRO A 48 -0.66 24.65 41.20
N ASN A 49 -1.20 25.02 40.04
CA ASN A 49 -2.67 24.93 39.87
C ASN A 49 -3.14 23.49 40.00
N THR A 50 -2.30 22.53 39.61
CA THR A 50 -2.59 21.08 39.74
C THR A 50 -2.91 20.74 41.21
N PHE A 51 -2.34 21.48 42.15
CA PHE A 51 -2.45 21.21 43.62
C PHE A 51 -3.52 22.08 44.28
N ASN A 52 -4.15 22.99 43.54
CA ASN A 52 -4.99 24.06 44.16
C ASN A 52 -6.34 24.21 43.45
N GLU A 53 -6.80 23.21 42.71
CA GLU A 53 -8.20 23.13 42.24
C GLU A 53 -8.58 24.45 41.55
N ILE A 54 -7.75 24.91 40.62
CA ILE A 54 -7.98 26.23 39.97
C ILE A 54 -7.36 26.20 38.58
N GLU A 55 -7.88 27.02 37.66
CA GLU A 55 -7.36 27.08 36.27
C GLU A 55 -6.36 28.22 36.10
N TRP A 56 -6.61 29.37 36.74
CA TRP A 56 -5.70 30.55 36.75
C TRP A 56 -5.30 30.77 38.20
N GLY A 57 -4.00 30.64 38.47
CA GLY A 57 -3.45 30.81 39.83
C GLY A 57 -3.25 32.27 40.12
N GLU A 58 -4.35 33.00 40.34
CA GLU A 58 -4.32 34.47 40.50
C GLU A 58 -4.18 34.87 41.97
N HIS A 59 -4.26 33.94 42.91
CA HIS A 59 -4.53 34.25 44.33
C HIS A 59 -3.53 33.60 45.27
N TYR A 60 -2.33 33.29 44.80
CA TYR A 60 -1.32 32.63 45.66
C TYR A 60 -0.68 33.67 46.59
N GLY A 61 -0.66 34.94 46.19
CA GLY A 61 -0.03 36.03 46.97
C GLY A 61 1.38 35.67 47.40
N ASN A 62 1.68 35.77 48.70
CA ASN A 62 3.06 35.58 49.20
C ASN A 62 3.24 34.15 49.73
N GLN A 63 2.35 33.22 49.37
CA GLN A 63 2.57 31.81 49.76
C GLN A 63 3.91 31.32 49.20
N LYS A 64 4.57 30.46 49.94
CA LYS A 64 5.89 29.94 49.53
C LYS A 64 5.69 28.91 48.42
N PRO A 65 6.70 28.71 47.56
CA PRO A 65 6.72 27.58 46.64
C PRO A 65 6.34 26.24 47.29
N SER A 66 6.85 25.98 48.50
CA SER A 66 6.58 24.70 49.21
C SER A 66 5.11 24.57 49.61
N GLU A 67 4.38 25.68 49.73
CA GLU A 67 2.95 25.67 50.12
C GLU A 67 2.06 25.43 48.90
N ILE A 68 2.47 25.88 47.72
CA ILE A 68 1.57 25.87 46.53
C ILE A 68 1.92 24.72 45.58
N PHE A 69 3.14 24.19 45.66
CA PHE A 69 3.62 23.08 44.80
C PHE A 69 4.08 21.95 45.72
N THR A 70 3.18 21.01 46.01
CA THR A 70 3.37 20.08 47.16
C THR A 70 3.63 18.66 46.69
N LEU A 71 4.14 18.47 45.48
CA LEU A 71 4.36 17.12 44.90
C LEU A 71 5.28 16.30 45.82
N LYS A 72 4.82 15.10 46.21
CA LYS A 72 5.47 14.24 47.23
C LYS A 72 6.08 12.99 46.59
N ASN A 73 5.82 12.76 45.30
CA ASN A 73 6.32 11.58 44.56
C ASN A 73 7.18 12.06 43.40
N ASP A 74 8.13 11.23 42.99
CA ASP A 74 8.92 11.50 41.78
C ASP A 74 7.96 11.63 40.59
N PHE A 75 8.05 12.73 39.85
CA PHE A 75 7.22 12.98 38.65
C PHE A 75 7.43 11.84 37.63
N ASP A 76 6.34 11.22 37.16
CA ASP A 76 6.42 10.07 36.23
C ASP A 76 6.36 10.55 34.78
N ALA A 77 7.46 11.06 34.26
CA ALA A 77 7.50 11.53 32.87
C ALA A 77 7.47 10.36 31.88
N GLU A 78 8.01 9.20 32.28
N GLU A 78 8.02 9.20 32.28
CA GLU A 78 8.18 8.05 31.35
CA GLU A 78 8.18 8.03 31.38
C GLU A 78 6.81 7.52 30.92
C GLU A 78 6.81 7.52 30.92
N THR A 79 5.88 7.34 31.87
CA THR A 79 4.55 6.79 31.50
C THR A 79 3.82 7.76 30.58
N LEU A 80 3.86 9.06 30.91
CA LEU A 80 3.17 10.08 30.10
C LEU A 80 3.72 10.01 28.68
N VAL A 81 5.03 10.11 28.52
CA VAL A 81 5.61 10.23 27.15
C VAL A 81 5.36 8.93 26.37
N LYS A 82 5.55 7.77 26.99
CA LYS A 82 5.30 6.49 26.29
C LYS A 82 3.84 6.40 25.84
N THR A 83 2.90 6.77 26.71
CA THR A 83 1.47 6.68 26.36
C THR A 83 1.20 7.59 25.15
N LEU A 84 1.69 8.83 25.21
CA LEU A 84 1.47 9.78 24.10
C LEU A 84 2.13 9.28 22.82
N LYS A 85 3.37 8.79 22.89
CA LYS A 85 4.07 8.32 21.67
C LYS A 85 3.29 7.14 21.05
N ASP A 86 2.85 6.20 21.88
CA ASP A 86 2.12 5.01 21.37
C ASP A 86 0.80 5.44 20.73
N ALA A 87 0.20 6.54 21.18
CA ALA A 87 -1.11 7.00 20.67
C ALA A 87 -0.94 7.90 19.44
N GLY A 88 0.30 8.16 19.02
CA GLY A 88 0.55 8.87 17.74
C GLY A 88 0.86 10.36 17.92
N PHE A 89 0.99 10.84 19.15
CA PHE A 89 1.37 12.25 19.41
C PHE A 89 2.86 12.41 19.10
N LYS A 90 3.22 13.49 18.42
CA LYS A 90 4.59 13.65 17.89
C LYS A 90 5.33 14.79 18.58
N LYS A 91 4.69 15.47 19.53
CA LYS A 91 5.31 16.60 20.22
C LYS A 91 4.61 16.74 21.56
N LEU A 92 5.34 17.23 22.54
CA LEU A 92 4.80 17.57 23.86
C LEU A 92 5.19 19.00 24.18
N ILE A 93 4.18 19.85 24.38
CA ILE A 93 4.38 21.27 24.73
C ILE A 93 4.14 21.35 26.23
N VAL A 94 5.15 21.80 26.97
CA VAL A 94 5.13 21.79 28.45
C VAL A 94 4.97 23.20 29.00
N THR A 95 4.12 23.37 30.01
CA THR A 95 4.01 24.65 30.75
C THR A 95 5.20 24.78 31.68
N ALA A 96 6.31 25.32 31.20
CA ALA A 96 7.47 25.62 32.07
C ALA A 96 7.05 26.66 33.11
N LYS A 97 6.17 27.58 32.72
CA LYS A 97 5.68 28.62 33.62
C LYS A 97 4.30 29.06 33.13
N HIS A 98 3.31 28.97 34.00
CA HIS A 98 1.94 29.45 33.68
C HIS A 98 1.82 30.89 34.18
N HIS A 99 0.62 31.45 34.10
CA HIS A 99 0.38 32.86 34.46
C HIS A 99 0.79 33.14 35.91
N ASP A 100 0.65 32.17 36.80
CA ASP A 100 1.01 32.33 38.23
C ASP A 100 2.51 32.68 38.38
N GLY A 101 3.35 32.36 37.39
CA GLY A 101 4.79 32.69 37.45
C GLY A 101 5.65 31.60 38.09
N PHE A 102 5.06 30.52 38.58
CA PHE A 102 5.86 29.44 39.20
C PHE A 102 6.59 28.66 38.10
N CYS A 103 7.90 28.55 38.25
CA CYS A 103 8.76 27.90 37.24
C CYS A 103 9.01 26.44 37.61
N ILE A 104 8.70 25.51 36.71
CA ILE A 104 8.85 24.05 37.02
C ILE A 104 10.22 23.57 36.52
N TRP A 105 11.18 24.47 36.34
CA TRP A 105 12.61 24.14 36.16
C TRP A 105 13.39 24.90 37.22
N ASP A 106 14.64 24.49 37.47
CA ASP A 106 15.50 25.15 38.48
C ASP A 106 16.07 26.44 37.88
N SER A 107 15.49 27.59 38.23
CA SER A 107 15.84 28.87 37.60
C SER A 107 16.69 29.73 38.53
N GLU A 108 17.82 30.21 38.03
N GLU A 108 17.81 30.22 38.03
CA GLU A 108 18.67 31.16 38.79
CA GLU A 108 18.67 31.17 38.80
C GLU A 108 18.01 32.54 38.83
C GLU A 108 18.05 32.57 38.77
N HIS A 109 17.01 32.81 37.97
CA HIS A 109 16.41 34.17 37.84
C HIS A 109 15.26 34.39 38.81
N THR A 110 14.84 33.37 39.54
CA THR A 110 13.73 33.50 40.50
C THR A 110 13.86 32.44 41.57
N GLU A 111 13.34 32.74 42.76
N GLU A 111 13.34 32.77 42.76
CA GLU A 111 13.19 31.75 43.85
CA GLU A 111 13.15 31.86 43.90
C GLU A 111 11.78 31.17 43.79
C GLU A 111 11.78 31.17 43.78
N TYR A 112 10.95 31.58 42.82
CA TYR A 112 9.57 31.08 42.72
C TYR A 112 9.57 29.88 41.78
N ASP A 113 10.17 28.78 42.24
CA ASP A 113 10.40 27.65 41.32
C ASP A 113 10.42 26.33 42.08
N VAL A 114 10.50 25.25 41.32
CA VAL A 114 10.40 23.88 41.88
C VAL A 114 11.60 23.60 42.78
N LYS A 115 12.76 24.22 42.52
CA LYS A 115 13.93 24.00 43.42
C LYS A 115 13.59 24.50 44.83
N ALA A 116 12.94 25.66 44.95
CA ALA A 116 12.56 26.24 46.25
C ALA A 116 11.42 25.48 46.92
N SER A 117 10.66 24.65 46.18
CA SER A 117 9.42 24.01 46.68
C SER A 117 9.77 22.86 47.62
N GLY A 118 10.99 22.32 47.55
CA GLY A 118 11.39 21.13 48.32
C GLY A 118 11.24 19.85 47.54
N TYR A 119 10.54 19.86 46.40
CA TYR A 119 10.43 18.67 45.53
C TYR A 119 11.83 18.14 45.20
N LYS A 120 12.01 16.82 45.29
CA LYS A 120 13.23 16.11 44.78
C LYS A 120 12.81 14.77 44.17
N ASN A 121 13.45 14.38 43.07
CA ASN A 121 13.20 13.07 42.43
C ASN A 121 14.09 12.00 43.09
N LYS A 122 14.01 10.76 42.59
CA LYS A 122 14.77 9.61 43.15
C LYS A 122 16.27 9.96 43.23
N ASN A 123 16.77 10.77 42.28
CA ASN A 123 18.20 11.13 42.11
C ASN A 123 18.55 12.44 42.82
N GLY A 124 17.64 12.99 43.61
CA GLY A 124 17.87 14.21 44.42
C GLY A 124 17.84 15.48 43.57
N GLU A 125 17.30 15.43 42.35
CA GLU A 125 17.22 16.60 41.43
C GLU A 125 15.86 17.26 41.60
N SER A 126 15.76 18.56 41.33
CA SER A 126 14.50 19.34 41.48
C SER A 126 14.22 20.10 40.19
N ASP A 127 13.82 19.40 39.13
CA ASP A 127 13.64 20.06 37.82
C ASP A 127 12.68 19.21 36.98
N ILE A 128 11.40 19.54 37.03
CA ILE A 128 10.35 18.77 36.31
C ILE A 128 10.59 18.92 34.80
N LEU A 129 10.94 20.10 34.33
CA LEU A 129 11.15 20.30 32.87
C LEU A 129 12.31 19.42 32.40
N ALA A 130 13.37 19.29 33.20
CA ALA A 130 14.48 18.36 32.84
C ALA A 130 13.99 16.91 32.84
N GLU A 131 13.16 16.52 33.80
CA GLU A 131 12.68 15.10 33.83
C GLU A 131 11.84 14.82 32.58
N ILE A 132 10.95 15.73 32.22
CA ILE A 132 10.12 15.54 31.01
C ILE A 132 11.03 15.51 29.77
N SER A 133 12.01 16.41 29.71
CA SER A 133 12.96 16.50 28.57
C SER A 133 13.72 15.18 28.44
N LYS A 134 14.15 14.58 29.54
CA LYS A 134 14.89 13.29 29.48
C LYS A 134 13.98 12.20 28.90
N ALA A 135 12.74 12.13 29.36
CA ALA A 135 11.80 11.10 28.86
C ALA A 135 11.51 11.34 27.37
N CYS A 136 11.30 12.59 26.97
CA CYS A 136 11.09 12.93 25.54
C CYS A 136 12.31 12.55 24.71
N THR A 137 13.51 12.86 25.19
CA THR A 137 14.76 12.56 24.45
C THR A 137 14.84 11.04 24.28
N ASP A 138 14.54 10.28 25.33
CA ASP A 138 14.67 8.80 25.26
C ASP A 138 13.72 8.21 24.23
N GLN A 139 12.55 8.83 24.03
CA GLN A 139 11.50 8.34 23.09
C GLN A 139 11.52 9.13 21.77
N ASN A 140 12.47 10.06 21.60
CA ASN A 140 12.56 10.93 20.41
C ASN A 140 11.21 11.63 20.19
N MET A 141 10.65 12.19 21.26
N MET A 141 10.65 12.19 21.25
CA MET A 141 9.40 13.02 21.25
CA MET A 141 9.44 13.02 21.15
C MET A 141 9.85 14.49 21.17
C MET A 141 9.86 14.48 21.16
N ASP A 142 9.45 15.20 20.12
CA ASP A 142 9.80 16.63 20.00
C ASP A 142 9.06 17.42 21.08
N MET A 143 9.56 18.62 21.34
CA MET A 143 9.06 19.41 22.49
C MET A 143 8.75 20.85 22.09
N GLY A 144 7.74 21.38 22.74
CA GLY A 144 7.47 22.82 22.76
C GLY A 144 7.60 23.39 24.16
N LEU A 145 7.87 24.69 24.23
CA LEU A 145 8.08 25.40 25.50
C LEU A 145 6.97 26.44 25.66
N TYR A 146 6.12 26.27 26.65
CA TYR A 146 5.11 27.28 27.04
C TYR A 146 5.69 28.09 28.19
N LEU A 147 5.87 29.38 28.01
CA LEU A 147 6.46 30.29 29.00
C LEU A 147 5.56 31.51 29.05
N SER A 148 4.67 31.59 30.02
CA SER A 148 3.63 32.63 30.04
C SER A 148 4.22 34.04 29.99
N PRO A 149 3.87 34.88 28.99
CA PRO A 149 4.24 36.30 29.06
C PRO A 149 3.66 36.98 30.30
N TRP A 150 2.37 36.82 30.56
CA TRP A 150 1.76 37.38 31.78
C TRP A 150 2.36 36.66 32.98
N ASP A 151 2.85 37.40 33.95
CA ASP A 151 3.46 36.79 35.16
C ASP A 151 2.92 37.54 36.38
N ILE A 152 2.10 36.84 37.18
CA ILE A 152 1.40 37.40 38.34
C ILE A 152 2.37 37.58 39.51
N HIS A 153 3.46 36.82 39.56
CA HIS A 153 4.37 36.81 40.72
C HIS A 153 5.58 37.72 40.49
N GLU A 154 6.23 37.58 39.35
CA GLU A 154 7.59 38.15 39.13
C GLU A 154 7.56 39.65 39.41
N PRO A 155 8.38 40.17 40.33
CA PRO A 155 8.34 41.60 40.64
C PRO A 155 8.67 42.52 39.46
N SER A 156 9.45 42.07 38.49
CA SER A 156 9.79 42.92 37.32
C SER A 156 8.58 43.12 36.41
N TYR A 157 7.49 42.34 36.56
CA TYR A 157 6.31 42.50 35.68
C TYR A 157 5.64 43.84 35.99
N GLY A 158 5.31 44.59 34.93
CA GLY A 158 4.65 45.89 35.04
C GLY A 158 5.64 46.97 35.36
N TYR A 159 5.13 48.18 35.55
CA TYR A 159 6.00 49.36 35.72
C TYR A 159 5.96 49.76 37.20
N LYS A 160 7.07 49.49 37.90
CA LYS A 160 7.15 49.70 39.37
C LYS A 160 8.48 50.34 39.70
N ASP A 161 8.46 51.25 40.66
CA ASP A 161 9.70 51.97 41.06
C ASP A 161 10.51 51.09 42.01
N GLU A 162 11.61 51.63 42.52
CA GLU A 162 12.58 50.87 43.34
C GLU A 162 11.92 50.43 44.66
N HIS A 163 10.79 51.04 45.04
CA HIS A 163 10.02 50.73 46.27
C HIS A 163 8.90 49.73 45.99
N GLY A 164 8.74 49.30 44.74
CA GLY A 164 7.71 48.31 44.33
C GLY A 164 6.35 48.93 44.04
N ASN A 165 6.27 50.26 43.91
CA ASN A 165 4.96 50.93 43.75
C ASN A 165 4.80 51.36 42.30
N PRO A 166 3.55 51.42 41.81
CA PRO A 166 3.30 51.72 40.39
C PRO A 166 3.93 53.04 39.96
N THR A 167 4.48 53.03 38.75
CA THR A 167 5.14 54.21 38.14
C THR A 167 4.97 54.13 36.63
N THR A 168 5.66 55.02 35.95
CA THR A 168 5.65 55.10 34.48
C THR A 168 6.85 54.31 33.95
N PRO A 169 6.82 53.93 32.67
CA PRO A 169 7.88 53.05 32.12
C PRO A 169 9.32 53.56 32.32
N ASP A 170 9.53 54.87 32.25
CA ASP A 170 10.88 55.48 32.39
C ASP A 170 11.45 55.28 33.80
N LYS A 171 10.59 55.08 34.80
N LYS A 171 10.60 55.08 34.80
CA LYS A 171 11.02 54.97 36.22
CA LYS A 171 11.04 54.97 36.22
C LYS A 171 10.93 53.52 36.70
C LYS A 171 10.93 53.52 36.70
N ASP A 172 10.59 52.61 35.79
CA ASP A 172 10.50 51.18 36.11
C ASP A 172 11.90 50.69 36.49
N ALA A 173 12.05 50.14 37.68
CA ALA A 173 13.38 49.75 38.20
C ALA A 173 13.88 48.45 37.58
N LYS A 174 12.98 47.50 37.33
CA LYS A 174 13.37 46.14 36.83
C LYS A 174 12.54 45.80 35.59
N ASP A 175 13.23 45.48 34.51
CA ASP A 175 12.60 45.29 33.17
C ASP A 175 12.19 43.84 33.00
N TYR A 176 10.88 43.58 32.93
CA TYR A 176 10.36 42.21 32.72
C TYR A 176 10.87 41.65 31.40
N ASN A 177 11.05 42.47 30.38
CA ASN A 177 11.52 41.96 29.06
C ASN A 177 12.89 41.32 29.22
N GLU A 178 13.73 41.85 30.11
CA GLU A 178 15.06 41.23 30.37
C GLU A 178 14.88 39.93 31.17
N PHE A 179 14.00 39.91 32.16
CA PHE A 179 13.74 38.70 32.98
C PHE A 179 13.28 37.56 32.05
N TYR A 180 12.31 37.84 31.20
CA TYR A 180 11.72 36.82 30.30
C TYR A 180 12.78 36.34 29.33
N ASN A 181 13.53 37.28 28.75
CA ASN A 181 14.62 36.95 27.81
C ASN A 181 15.64 36.04 28.52
N ASN A 182 15.95 36.35 29.78
CA ASN A 182 16.97 35.60 30.54
C ASN A 182 16.45 34.19 30.78
N GLN A 183 15.15 34.03 31.08
CA GLN A 183 14.58 32.67 31.29
C GLN A 183 14.56 31.92 29.97
N LEU A 184 14.25 32.57 28.86
CA LEU A 184 14.35 31.90 27.53
C LEU A 184 15.78 31.39 27.34
N GLU A 185 16.77 32.22 27.58
CA GLU A 185 18.18 31.81 27.39
C GLU A 185 18.51 30.68 28.34
N GLU A 186 18.05 30.76 29.57
CA GLU A 186 18.39 29.76 30.60
C GLU A 186 17.88 28.38 30.16
N ILE A 187 16.67 28.30 29.65
CA ILE A 187 16.10 27.01 29.20
C ILE A 187 16.72 26.62 27.86
N LEU A 188 16.58 27.47 26.85
CA LEU A 188 16.94 27.07 25.48
C LEU A 188 18.45 26.87 25.37
N GLY A 189 19.26 27.60 26.14
CA GLY A 189 20.71 27.46 26.07
C GLY A 189 21.23 26.26 26.85
N ASN A 190 20.41 25.53 27.59
CA ASN A 190 20.86 24.38 28.42
C ASN A 190 20.42 23.10 27.75
N PRO A 191 21.34 22.20 27.34
CA PRO A 191 20.96 20.98 26.63
C PRO A 191 20.13 19.98 27.45
N LYS A 192 20.02 20.16 28.74
CA LYS A 192 19.17 19.25 29.55
C LYS A 192 17.69 19.52 29.29
N TYR A 193 17.32 20.58 28.57
CA TYR A 193 15.91 20.85 28.22
C TYR A 193 15.69 20.66 26.72
N GLY A 194 14.55 20.09 26.37
CA GLY A 194 14.18 19.82 24.97
C GLY A 194 14.39 18.35 24.62
N ASN A 195 14.08 18.02 23.39
CA ASN A 195 14.45 16.70 22.81
C ASN A 195 15.91 16.80 22.36
N ASP A 196 16.82 16.17 23.08
CA ASP A 196 18.28 16.26 22.80
C ASP A 196 18.65 17.73 22.69
N GLY A 197 18.16 18.57 23.62
CA GLY A 197 18.54 19.99 23.68
C GLY A 197 17.68 20.89 22.80
N HIS A 198 16.72 20.33 22.06
CA HIS A 198 16.03 21.12 21.02
C HIS A 198 14.54 21.28 21.31
N PHE A 199 14.02 22.49 21.09
CA PHE A 199 12.57 22.77 21.04
C PHE A 199 12.21 23.21 19.62
N VAL A 200 11.06 22.75 19.13
CA VAL A 200 10.59 23.13 17.76
C VAL A 200 9.49 24.19 17.85
N GLU A 201 8.96 24.50 19.03
CA GLU A 201 7.85 25.47 19.15
C GLU A 201 7.99 26.18 20.49
N VAL A 202 7.80 27.50 20.48
CA VAL A 202 7.67 28.30 21.73
C VAL A 202 6.28 28.90 21.74
N TRP A 203 5.59 28.75 22.86
CA TRP A 203 4.16 29.12 23.02
C TRP A 203 4.08 30.30 23.96
N MET A 204 3.68 31.44 23.41
CA MET A 204 3.56 32.69 24.18
C MET A 204 2.07 33.02 24.27
N ALA A 205 1.41 32.57 25.32
CA ALA A 205 -0.04 32.81 25.53
C ALA A 205 -0.33 34.30 25.44
N GLY A 206 -1.40 34.66 24.71
CA GLY A 206 -1.87 36.05 24.66
C GLY A 206 -2.81 36.39 25.79
N ALA A 207 -3.37 35.37 26.44
CA ALA A 207 -4.40 35.57 27.48
C ALA A 207 -3.81 36.31 28.67
N LYS A 208 -4.60 37.20 29.25
CA LYS A 208 -4.13 38.03 30.38
C LYS A 208 -5.36 38.50 31.15
N GLY A 209 -5.25 38.60 32.47
CA GLY A 209 -6.36 39.05 33.31
C GLY A 209 -6.76 40.48 32.96
N SER A 210 -8.06 40.77 33.00
CA SER A 210 -8.62 42.07 32.61
C SER A 210 -8.05 43.19 33.51
N GLY A 211 -7.74 42.91 34.78
CA GLY A 211 -7.25 43.94 35.73
C GLY A 211 -5.74 43.94 35.90
N ALA A 212 -5.01 43.18 35.09
CA ALA A 212 -3.56 42.98 35.28
C ALA A 212 -2.81 44.26 34.90
N ASN A 213 -1.61 44.42 35.43
CA ASN A 213 -0.71 45.56 35.13
C ASN A 213 -0.34 45.58 33.64
N ALA A 214 -0.24 46.77 33.07
CA ALA A 214 0.27 46.99 31.70
C ALA A 214 1.73 46.53 31.62
N GLN A 215 2.09 45.91 30.51
CA GLN A 215 3.49 45.49 30.26
C GLN A 215 3.66 45.28 28.75
N GLU A 216 4.43 46.15 28.10
N GLU A 216 4.44 46.15 28.12
CA GLU A 216 4.74 45.98 26.66
CA GLU A 216 4.83 46.03 26.69
C GLU A 216 5.83 44.91 26.57
C GLU A 216 5.85 44.90 26.59
N TYR A 217 5.65 43.96 25.65
CA TYR A 217 6.58 42.83 25.48
C TYR A 217 7.51 43.10 24.30
N ASP A 218 8.76 42.72 24.45
CA ASP A 218 9.81 42.91 23.43
C ASP A 218 9.94 41.60 22.63
N PHE A 219 8.99 41.34 21.73
CA PHE A 219 8.98 40.10 20.94
C PHE A 219 10.25 40.03 20.08
N LYS A 220 10.71 41.15 19.56
CA LYS A 220 11.93 41.17 18.72
C LYS A 220 13.12 40.61 19.50
N LYS A 221 13.31 41.06 20.74
CA LYS A 221 14.40 40.59 21.61
C LYS A 221 14.24 39.08 21.83
N TRP A 222 13.06 38.65 22.22
CA TRP A 222 12.81 37.23 22.55
C TRP A 222 13.01 36.37 21.31
N PHE A 223 12.55 36.83 20.15
CA PHE A 223 12.68 36.07 18.88
C PHE A 223 14.16 35.76 18.63
N LYS A 224 15.04 36.73 18.85
CA LYS A 224 16.48 36.55 18.58
C LYS A 224 17.03 35.47 19.51
N THR A 225 16.68 35.52 20.78
CA THR A 225 17.16 34.51 21.75
C THR A 225 16.67 33.13 21.34
N ILE A 226 15.42 33.04 20.93
CA ILE A 226 14.84 31.73 20.53
C ILE A 226 15.60 31.20 19.32
N GLN A 227 15.79 32.02 18.28
CA GLN A 227 16.36 31.47 17.02
C GLN A 227 17.86 31.24 17.17
N ASP A 228 18.53 32.04 17.99
CA ASP A 228 19.99 31.83 18.25
C ASP A 228 20.21 30.49 18.97
N ASN A 229 19.19 29.94 19.63
CA ASN A 229 19.29 28.65 20.35
C ASN A 229 18.63 27.51 19.56
N GLU A 230 17.56 27.77 18.82
CA GLU A 230 16.67 26.67 18.33
C GLU A 230 16.30 26.84 16.85
N GLY A 231 16.88 27.82 16.15
CA GLY A 231 16.51 28.14 14.76
C GLY A 231 17.65 27.95 13.78
N LYS A 232 17.52 28.57 12.62
CA LYS A 232 18.57 28.42 11.58
C LYS A 232 19.89 28.99 12.08
N ALA A 233 19.86 30.03 12.90
CA ALA A 233 21.08 30.69 13.43
C ALA A 233 21.85 29.70 14.32
N ALA A 234 21.16 28.71 14.91
CA ALA A 234 21.74 27.66 15.77
C ALA A 234 22.11 26.42 14.95
N GLY A 235 21.89 26.43 13.63
CA GLY A 235 22.31 25.36 12.71
C GLY A 235 21.20 24.36 12.42
N TYR A 236 19.96 24.60 12.87
CA TYR A 236 18.80 23.75 12.52
C TYR A 236 18.30 24.12 11.11
N ASP A 237 17.47 23.26 10.52
CA ASP A 237 17.06 23.42 9.10
C ASP A 237 15.85 24.35 8.97
N ALA A 238 15.36 24.91 10.07
CA ALA A 238 14.22 25.84 10.09
C ALA A 238 14.26 26.62 11.39
N ASP A 239 13.61 27.77 11.38
CA ASP A 239 13.43 28.52 12.64
C ASP A 239 12.48 27.76 13.55
N CYS A 240 12.69 27.93 14.85
CA CYS A 240 11.77 27.40 15.88
C CYS A 240 10.44 28.09 15.66
N MET A 241 9.35 27.34 15.68
CA MET A 241 8.01 27.89 15.43
C MET A 241 7.57 28.72 16.63
N LEU A 242 6.82 29.78 16.36
N LEU A 242 6.82 29.78 16.38
CA LEU A 242 6.35 30.69 17.44
CA LEU A 242 6.38 30.72 17.44
C LEU A 242 4.84 30.82 17.37
C LEU A 242 4.86 30.85 17.38
N PHE A 243 4.22 30.65 18.52
CA PHE A 243 2.79 30.93 18.75
C PHE A 243 2.72 32.21 19.60
N GLY A 244 1.92 33.18 19.20
CA GLY A 244 1.58 34.33 20.05
C GLY A 244 2.64 35.44 20.01
N ALA A 245 3.29 35.63 18.85
CA ALA A 245 4.42 36.58 18.72
C ALA A 245 4.11 37.58 17.59
N GLU A 246 2.89 38.09 17.49
CA GLU A 246 2.57 39.19 16.54
C GLU A 246 3.03 38.78 15.13
N ALA A 247 3.73 39.63 14.37
CA ALA A 247 4.09 39.32 12.96
C ALA A 247 5.20 38.26 12.89
N TYR A 248 5.75 37.80 14.02
CA TYR A 248 6.72 36.68 14.05
C TYR A 248 5.98 35.34 14.05
N THR A 249 4.68 35.35 14.23
CA THR A 249 3.86 34.11 14.41
C THR A 249 3.99 33.17 13.22
N THR A 250 4.36 31.92 13.50
CA THR A 250 4.41 30.85 12.48
C THR A 250 3.47 29.69 12.82
N VAL A 251 2.91 29.68 14.03
CA VAL A 251 1.82 28.76 14.44
C VAL A 251 0.72 29.63 14.98
N ARG A 252 -0.45 29.65 14.34
CA ARG A 252 -1.53 30.56 14.78
C ARG A 252 -2.51 29.82 15.69
N TRP A 253 -3.16 30.56 16.56
CA TRP A 253 -4.30 30.03 17.32
C TRP A 253 -5.48 29.82 16.39
N ILE A 254 -6.15 28.68 16.48
CA ILE A 254 -7.36 28.44 15.65
C ILE A 254 -8.52 29.36 16.04
N GLY A 255 -8.47 30.03 17.19
CA GLY A 255 -9.44 31.09 17.54
C GLY A 255 -10.53 30.61 18.50
N ASN A 256 -10.44 29.36 18.95
CA ASN A 256 -11.33 28.80 20.01
C ASN A 256 -10.49 27.79 20.77
N GLU A 257 -10.98 27.38 21.94
CA GLU A 257 -10.30 26.36 22.78
C GLU A 257 -11.09 25.05 22.74
N LEU A 258 -11.79 24.77 21.65
CA LEU A 258 -12.71 23.61 21.57
C LEU A 258 -12.18 22.53 20.61
N GLY A 259 -11.08 22.79 19.93
CA GLY A 259 -10.49 21.83 18.98
C GLY A 259 -11.17 21.88 17.63
N ILE A 260 -11.76 23.03 17.27
CA ILE A 260 -12.59 23.18 16.03
C ILE A 260 -11.87 24.11 15.06
N ALA A 261 -11.58 23.63 13.87
CA ALA A 261 -11.16 24.49 12.74
C ALA A 261 -12.35 24.68 11.79
N GLY A 262 -12.42 25.84 11.15
CA GLY A 262 -13.36 26.09 10.07
C GLY A 262 -13.28 25.03 8.98
N LYS A 263 -14.39 24.73 8.34
CA LYS A 263 -14.41 23.66 7.31
C LYS A 263 -13.43 23.98 6.18
N ASP A 264 -13.26 25.26 5.81
CA ASP A 264 -12.30 25.69 4.76
C ASP A 264 -11.17 26.52 5.37
N THR A 265 -10.12 25.85 5.81
CA THR A 265 -9.01 26.47 6.54
C THR A 265 -7.77 26.56 5.65
N TRP A 266 -7.24 27.78 5.54
CA TRP A 266 -5.96 28.09 4.85
C TRP A 266 -4.84 28.20 5.90
N SER A 267 -3.70 27.62 5.61
CA SER A 267 -2.49 27.75 6.45
C SER A 267 -1.75 29.08 6.20
N LYS A 268 -2.46 30.18 5.93
CA LYS A 268 -1.78 31.45 5.64
C LYS A 268 -2.52 32.61 6.27
N SER A 269 -1.73 33.54 6.78
CA SER A 269 -2.19 34.78 7.44
C SER A 269 -1.67 35.99 6.65
N LYS A 270 -2.18 37.16 6.98
CA LYS A 270 -1.65 38.45 6.49
C LYS A 270 -0.90 39.11 7.63
N VAL A 271 0.37 39.42 7.43
CA VAL A 271 1.19 40.06 8.50
C VAL A 271 1.69 41.41 8.00
N ASP A 272 1.93 42.30 8.95
CA ASP A 272 2.56 43.62 8.70
C ASP A 272 3.77 43.70 9.63
N LYS A 273 4.96 43.52 9.07
CA LYS A 273 6.24 43.47 9.83
C LYS A 273 6.56 44.84 10.41
N ASP A 274 6.07 45.93 9.77
CA ASP A 274 6.33 47.32 10.21
C ASP A 274 5.44 47.66 11.40
N LYS A 275 4.15 47.29 11.34
CA LYS A 275 3.14 47.59 12.38
C LYS A 275 3.06 46.46 13.40
N ASN A 276 3.72 45.32 13.15
CA ASN A 276 3.78 44.18 14.12
C ASN A 276 2.37 43.65 14.35
N THR A 277 1.64 43.40 13.26
CA THR A 277 0.28 42.83 13.33
C THR A 277 0.21 41.56 12.51
N ILE A 278 -0.79 40.77 12.85
CA ILE A 278 -1.16 39.53 12.11
C ILE A 278 -2.68 39.45 12.05
N ASN A 279 -3.21 39.17 10.87
CA ASN A 279 -4.65 38.95 10.62
C ASN A 279 -4.78 37.52 10.09
N SER A 280 -5.54 36.67 10.77
CA SER A 280 -5.75 35.26 10.35
C SER A 280 -7.20 35.01 9.99
N ASN A 281 -7.97 36.05 9.69
CA ASN A 281 -9.35 35.94 9.14
C ASN A 281 -10.27 35.16 10.08
N LYS A 282 -10.60 35.78 11.21
CA LYS A 282 -11.61 35.24 12.14
C LYS A 282 -12.96 35.22 11.44
N GLN A 283 -13.58 34.05 11.35
CA GLN A 283 -14.96 33.84 10.81
C GLN A 283 -15.69 32.90 11.77
N GLY A 284 -16.82 33.31 12.33
CA GLY A 284 -17.45 32.62 13.47
C GLY A 284 -16.44 32.40 14.58
N ASN A 285 -16.20 31.15 14.97
CA ASN A 285 -15.36 30.83 16.15
C ASN A 285 -13.96 30.37 15.71
N ALA A 286 -13.55 30.56 14.46
CA ALA A 286 -12.25 30.03 14.01
C ALA A 286 -11.53 31.01 13.08
N THR A 287 -10.20 30.92 13.04
CA THR A 287 -9.36 31.67 12.08
C THR A 287 -9.17 30.81 10.84
N VAL A 288 -9.75 31.22 9.73
CA VAL A 288 -9.80 30.37 8.50
C VAL A 288 -8.66 30.76 7.55
N GLY A 289 -7.90 31.81 7.87
CA GLY A 289 -6.76 32.21 7.03
C GLY A 289 -7.21 32.82 5.72
N PHE A 290 -6.23 33.03 4.85
CA PHE A 290 -6.46 33.72 3.55
C PHE A 290 -5.81 32.92 2.43
N GLU A 291 -6.56 32.76 1.34
CA GLU A 291 -6.05 32.17 0.09
C GLU A 291 -4.82 32.97 -0.37
N ASP A 292 -4.85 34.30 -0.19
CA ASP A 292 -3.74 35.20 -0.63
C ASP A 292 -2.91 35.65 0.58
N GLY A 293 -2.86 34.88 1.67
CA GLY A 293 -2.05 35.28 2.82
C GLY A 293 -0.59 35.35 2.45
N ASP A 294 0.17 36.20 3.12
CA ASP A 294 1.60 36.44 2.78
C ASP A 294 2.54 35.70 3.76
N GLN A 295 2.03 35.00 4.77
CA GLN A 295 2.89 34.28 5.75
C GLN A 295 2.23 32.93 6.07
N TRP A 296 2.98 31.86 5.92
CA TRP A 296 2.47 30.53 6.35
C TRP A 296 2.29 30.54 7.86
N THR A 297 1.10 30.16 8.33
CA THR A 297 0.85 29.92 9.75
C THR A 297 0.18 28.55 9.88
N VAL A 298 0.76 27.69 10.69
CA VAL A 298 0.11 26.39 10.98
C VAL A 298 -1.14 26.65 11.81
N PRO A 299 -2.33 26.20 11.37
CA PRO A 299 -3.53 26.38 12.18
C PRO A 299 -3.51 25.36 13.33
N GLU A 300 -3.36 25.83 14.56
CA GLU A 300 -3.20 24.93 15.73
C GLU A 300 -4.43 25.00 16.62
N ALA A 301 -5.17 23.92 16.69
CA ALA A 301 -6.40 23.81 17.51
C ALA A 301 -6.04 23.21 18.86
N ASP A 302 -5.88 24.04 19.88
CA ASP A 302 -5.59 23.56 21.25
C ASP A 302 -6.89 23.14 21.93
N ALA A 303 -6.85 22.05 22.66
CA ALA A 303 -8.06 21.50 23.30
C ALA A 303 -7.67 20.73 24.56
N ARG A 304 -8.66 20.49 25.39
CA ARG A 304 -8.53 19.83 26.72
C ARG A 304 -9.13 18.43 26.62
N ILE A 305 -8.41 17.41 27.10
CA ILE A 305 -9.02 16.05 27.18
C ILE A 305 -9.96 15.97 28.38
N THR A 306 -9.80 16.85 29.36
CA THR A 306 -10.69 16.99 30.56
C THR A 306 -11.35 18.37 30.49
N SER A 307 -12.10 18.79 31.51
CA SER A 307 -12.87 20.05 31.38
C SER A 307 -11.95 21.27 31.55
N GLY A 308 -10.82 21.13 32.21
CA GLY A 308 -9.86 22.24 32.40
C GLY A 308 -8.54 21.94 31.74
N TRP A 309 -7.62 22.89 31.77
CA TRP A 309 -6.23 22.63 31.35
C TRP A 309 -5.46 21.91 32.47
N PHE A 310 -5.76 22.23 33.72
CA PHE A 310 -5.08 21.57 34.87
C PHE A 310 -5.95 20.43 35.38
N TRP A 311 -5.30 19.36 35.83
CA TRP A 311 -6.01 18.28 36.54
C TRP A 311 -6.59 18.86 37.84
N GLY A 312 -7.72 18.32 38.26
CA GLY A 312 -8.27 18.55 39.61
C GLY A 312 -9.30 17.51 39.95
N THR A 313 -9.68 17.44 41.21
CA THR A 313 -10.59 16.39 41.71
C THR A 313 -11.98 16.51 41.07
N LYS A 314 -12.37 17.69 40.57
CA LYS A 314 -13.72 17.92 39.99
C LYS A 314 -13.63 18.08 38.47
N LYS A 315 -12.47 17.78 37.86
CA LYS A 315 -12.22 18.02 36.43
C LYS A 315 -11.20 16.96 35.96
N ASN A 316 -11.48 15.70 36.23
CA ASN A 316 -10.57 14.60 35.83
C ASN A 316 -11.31 13.56 34.98
N THR A 317 -12.56 13.78 34.59
CA THR A 317 -13.25 12.83 33.71
C THR A 317 -12.82 13.14 32.27
N PRO A 318 -12.20 12.21 31.54
CA PRO A 318 -11.81 12.50 30.15
C PRO A 318 -13.03 12.53 29.23
N LYS A 319 -12.90 13.31 28.17
CA LYS A 319 -13.91 13.37 27.10
C LYS A 319 -14.16 11.97 26.54
N THR A 320 -15.36 11.74 26.05
CA THR A 320 -15.76 10.46 25.45
C THR A 320 -15.12 10.31 24.07
N MET A 321 -15.11 9.09 23.54
CA MET A 321 -14.66 8.87 22.15
C MET A 321 -15.54 9.63 21.16
N GLU A 322 -16.83 9.84 21.45
CA GLU A 322 -17.67 10.63 20.51
C GLU A 322 -17.14 12.06 20.44
N GLU A 323 -16.85 12.66 21.59
CA GLU A 323 -16.31 14.04 21.66
C GLU A 323 -14.94 14.09 20.99
N LEU A 324 -14.05 13.13 21.25
CA LEU A 324 -12.67 13.19 20.72
C LEU A 324 -12.68 12.88 19.21
N SER A 325 -13.54 11.99 18.75
CA SER A 325 -13.66 11.71 17.29
C SER A 325 -14.17 12.97 16.58
N ASP A 326 -15.17 13.64 17.14
CA ASP A 326 -15.66 14.91 16.53
C ASP A 326 -14.50 15.92 16.46
N MET A 327 -13.73 16.02 17.53
N MET A 327 -13.73 16.02 17.54
CA MET A 327 -12.59 16.93 17.60
CA MET A 327 -12.57 16.93 17.63
C MET A 327 -11.57 16.59 16.50
C MET A 327 -11.57 16.59 16.50
N TYR A 328 -11.24 15.32 16.35
CA TYR A 328 -10.26 14.86 15.34
C TYR A 328 -10.72 15.29 13.94
N PHE A 329 -11.96 14.96 13.60
CA PHE A 329 -12.45 15.22 12.23
C PHE A 329 -12.55 16.72 11.98
N ASN A 330 -12.79 17.52 13.01
CA ASN A 330 -13.03 18.98 12.84
C ASN A 330 -11.72 19.75 12.98
N SER A 331 -10.61 19.09 13.25
CA SER A 331 -9.28 19.74 13.36
C SER A 331 -8.35 19.16 12.30
N VAL A 332 -7.82 17.97 12.57
CA VAL A 332 -6.96 17.23 11.60
C VAL A 332 -7.67 17.14 10.25
N GLY A 333 -8.98 16.92 10.22
CA GLY A 333 -9.70 16.75 8.95
C GLY A 333 -9.95 18.06 8.23
N HIS A 334 -9.59 19.19 8.85
CA HIS A 334 -9.81 20.54 8.30
C HIS A 334 -8.49 21.31 8.22
N ASN A 335 -7.39 20.65 7.91
CA ASN A 335 -6.09 21.31 7.70
C ASN A 335 -5.66 22.08 8.95
N ALA A 336 -5.92 21.53 10.14
CA ALA A 336 -5.37 22.08 11.40
C ALA A 336 -4.65 20.96 12.14
N THR A 337 -3.74 21.31 13.02
CA THR A 337 -3.18 20.36 13.99
C THR A 337 -4.07 20.33 15.22
N LEU A 338 -4.07 19.20 15.90
CA LEU A 338 -4.78 19.07 17.18
C LEU A 338 -3.73 19.02 18.28
N LEU A 339 -3.78 19.97 19.18
CA LEU A 339 -2.86 20.09 20.33
C LEU A 339 -3.69 19.76 21.57
N LEU A 340 -3.64 18.50 21.98
CA LEU A 340 -4.57 17.98 23.00
C LEU A 340 -3.84 17.91 24.35
N ASN A 341 -4.40 18.58 25.33
CA ASN A 341 -3.84 18.61 26.70
C ASN A 341 -4.18 17.32 27.46
N VAL A 342 -3.16 16.77 28.09
CA VAL A 342 -3.25 15.57 28.96
C VAL A 342 -2.59 15.93 30.29
N PRO A 343 -3.37 16.34 31.31
CA PRO A 343 -2.78 16.92 32.51
C PRO A 343 -2.37 15.89 33.56
N PRO A 344 -1.12 15.97 34.06
CA PRO A 344 -0.73 15.18 35.22
C PRO A 344 -1.48 15.62 36.48
N ASN A 345 -1.58 14.70 37.43
CA ASN A 345 -2.32 14.89 38.70
C ASN A 345 -1.37 15.33 39.82
N ASN A 346 -1.91 15.49 41.02
CA ASN A 346 -1.15 15.96 42.21
C ASN A 346 -0.24 14.86 42.76
N GLN A 347 -0.23 13.67 42.16
CA GLN A 347 0.69 12.58 42.54
C GLN A 347 1.87 12.54 41.56
N GLY A 348 1.85 13.37 40.51
CA GLY A 348 2.93 13.41 39.49
C GLY A 348 2.80 12.31 38.45
N THR A 349 1.65 11.64 38.43
CA THR A 349 1.26 10.60 37.45
C THR A 349 0.18 11.23 36.56
N VAL A 350 -0.41 10.43 35.71
CA VAL A 350 -1.66 10.79 35.00
C VAL A 350 -2.69 9.74 35.41
N ASP A 351 -3.89 10.20 35.73
CA ASP A 351 -4.99 9.31 36.14
C ASP A 351 -5.10 8.16 35.14
N LYS A 352 -5.30 6.95 35.61
CA LYS A 352 -5.43 5.78 34.72
C LYS A 352 -6.57 6.01 33.72
N ALA A 353 -7.70 6.59 34.14
CA ALA A 353 -8.85 6.82 33.22
C ALA A 353 -8.43 7.74 32.06
N ILE A 354 -7.58 8.73 32.35
CA ILE A 354 -7.13 9.68 31.30
C ILE A 354 -6.15 8.98 30.38
N LEU A 355 -5.15 8.27 30.92
CA LEU A 355 -4.19 7.52 30.08
C LEU A 355 -4.95 6.51 29.21
N ASP A 356 -5.95 5.83 29.78
CA ASP A 356 -6.68 4.80 29.02
C ASP A 356 -7.42 5.47 27.85
N ARG A 357 -8.01 6.65 28.08
CA ARG A 357 -8.73 7.34 26.98
C ARG A 357 -7.75 7.82 25.92
N VAL A 358 -6.58 8.32 26.30
CA VAL A 358 -5.53 8.67 25.31
C VAL A 358 -5.22 7.45 24.44
N THR A 359 -4.97 6.32 25.08
CA THR A 359 -4.59 5.08 24.37
C THR A 359 -5.74 4.67 23.47
N GLU A 360 -6.97 4.75 23.95
CA GLU A 360 -8.17 4.35 23.17
C GLU A 360 -8.31 5.27 21.96
N PHE A 361 -8.11 6.58 22.14
CA PHE A 361 -8.20 7.56 21.05
C PHE A 361 -7.14 7.21 19.99
N GLY A 362 -5.89 7.01 20.41
CA GLY A 362 -4.81 6.64 19.46
C GLY A 362 -5.13 5.35 18.74
N ASN A 363 -5.64 4.35 19.45
CA ASN A 363 -5.94 3.02 18.85
C ASN A 363 -7.05 3.18 17.80
N ASN A 364 -8.05 3.99 18.08
CA ASN A 364 -9.18 4.21 17.15
C ASN A 364 -8.68 4.90 15.89
N ILE A 365 -7.78 5.88 16.02
CA ILE A 365 -7.25 6.59 14.83
C ILE A 365 -6.47 5.56 14.00
N LYS A 366 -5.60 4.78 14.63
CA LYS A 366 -4.76 3.81 13.89
C LYS A 366 -5.66 2.80 13.18
N ALA A 367 -6.68 2.29 13.84
CA ALA A 367 -7.53 1.22 13.28
C ALA A 367 -8.38 1.83 12.15
N THR A 368 -8.83 3.07 12.31
CA THR A 368 -9.63 3.76 11.28
C THR A 368 -8.81 3.86 9.99
N PHE A 369 -7.53 4.22 10.07
CA PHE A 369 -6.70 4.52 8.87
C PHE A 369 -5.80 3.34 8.50
N LYS A 370 -6.05 2.16 9.07
CA LYS A 370 -5.16 0.99 8.81
C LYS A 370 -5.23 0.55 7.35
N THR A 371 -6.43 0.49 6.78
CA THR A 371 -6.66 -0.22 5.50
C THR A 371 -7.22 0.77 4.48
N ASN A 372 -6.34 1.26 3.61
CA ASN A 372 -6.72 2.20 2.52
C ASN A 372 -7.42 1.40 1.43
N LEU A 373 -8.72 1.59 1.28
CA LEU A 373 -9.55 0.79 0.34
C LEU A 373 -9.23 1.16 -1.10
N ALA A 374 -8.50 2.27 -1.32
CA ALA A 374 -8.03 2.64 -2.68
C ALA A 374 -6.88 1.72 -3.11
N LYS A 375 -6.34 0.90 -2.21
CA LYS A 375 -5.21 -0.04 -2.50
C LYS A 375 -5.63 -1.47 -2.18
N ALA A 376 -6.91 -1.74 -1.96
CA ALA A 376 -7.40 -3.12 -1.71
C ALA A 376 -7.31 -3.93 -3.00
N GLU A 377 -7.43 -5.24 -2.86
CA GLU A 377 -7.42 -6.18 -4.01
C GLU A 377 -8.47 -5.72 -5.02
N GLY A 378 -8.07 -5.56 -6.28
CA GLY A 378 -8.95 -5.17 -7.41
C GLY A 378 -9.21 -3.68 -7.49
N ALA A 379 -8.70 -2.89 -6.54
CA ALA A 379 -8.94 -1.44 -6.53
C ALA A 379 -7.94 -0.76 -7.46
N SER A 380 -8.27 0.44 -7.95
CA SER A 380 -7.37 1.21 -8.81
C SER A 380 -7.61 2.70 -8.62
N VAL A 381 -6.55 3.46 -8.82
CA VAL A 381 -6.60 4.94 -8.81
C VAL A 381 -6.15 5.43 -10.19
N LYS A 382 -7.03 6.17 -10.86
CA LYS A 382 -6.75 6.75 -12.19
C LYS A 382 -7.11 8.23 -12.17
N VAL A 383 -6.64 8.97 -13.18
CA VAL A 383 -6.88 10.43 -13.24
C VAL A 383 -7.31 10.84 -14.63
N SER A 384 -7.93 12.01 -14.72
CA SER A 384 -8.37 12.55 -16.03
C SER A 384 -7.17 12.96 -16.88
N GLU A 385 -6.04 13.30 -16.27
CA GLU A 385 -4.86 13.80 -17.01
C GLU A 385 -3.65 13.69 -16.10
N VAL A 386 -2.49 13.37 -16.65
CA VAL A 386 -1.17 13.31 -15.95
C VAL A 386 -0.26 14.38 -16.55
N ARG A 387 0.28 15.25 -15.70
CA ARG A 387 1.25 16.29 -16.09
C ARG A 387 2.31 15.72 -17.04
N GLY A 388 2.33 16.25 -18.26
CA GLY A 388 3.29 15.89 -19.34
C GLY A 388 3.22 14.42 -19.75
N GLY A 389 2.21 13.66 -19.32
CA GLY A 389 2.22 12.20 -19.49
C GLY A 389 3.45 11.58 -18.84
N ALA A 390 3.95 12.21 -17.77
CA ALA A 390 5.26 11.88 -17.15
C ALA A 390 5.07 10.97 -15.93
N LYS A 391 5.86 9.92 -15.82
CA LYS A 391 5.74 8.94 -14.71
C LYS A 391 5.92 9.67 -13.37
N GLU A 392 6.63 10.79 -13.35
CA GLU A 392 6.91 11.57 -12.12
C GLU A 392 5.60 12.08 -11.50
N TYR A 393 4.51 12.18 -12.27
CA TYR A 393 3.22 12.76 -11.78
C TYR A 393 2.10 11.71 -11.87
N LYS A 394 2.47 10.43 -11.90
CA LYS A 394 1.50 9.33 -12.09
C LYS A 394 0.50 9.26 -10.95
N PRO A 395 -0.74 8.76 -11.19
CA PRO A 395 -1.74 8.67 -10.14
C PRO A 395 -1.33 7.79 -8.95
N GLY A 396 -0.50 6.77 -9.19
CA GLY A 396 -0.02 5.90 -8.10
C GLY A 396 0.80 6.67 -7.09
N ASN A 397 1.27 7.87 -7.44
CA ASN A 397 1.94 8.76 -6.47
C ASN A 397 0.98 9.15 -5.34
N MET A 398 -0.33 8.96 -5.49
CA MET A 398 -1.29 9.35 -4.44
C MET A 398 -1.53 8.18 -3.48
N ILE A 399 -0.92 7.01 -3.69
CA ILE A 399 -1.19 5.84 -2.80
C ILE A 399 0.14 5.15 -2.48
N ASP A 400 1.25 5.88 -2.49
CA ASP A 400 2.59 5.28 -2.22
C ASP A 400 3.06 5.62 -0.80
N ASP A 401 2.26 6.31 0.02
CA ASP A 401 2.63 6.60 1.44
C ASP A 401 3.95 7.36 1.47
N ASN A 402 4.13 8.24 0.51
CA ASN A 402 5.32 9.11 0.39
C ASN A 402 4.82 10.53 0.15
N ASP A 403 4.97 11.41 1.14
CA ASP A 403 4.45 12.79 1.03
C ASP A 403 5.20 13.57 -0.04
N GLU A 404 6.38 13.13 -0.48
CA GLU A 404 7.19 13.90 -1.46
C GLU A 404 6.71 13.64 -2.90
N THR A 405 5.98 12.56 -3.14
CA THR A 405 5.48 12.26 -4.50
C THR A 405 4.02 12.67 -4.63
N TYR A 406 3.67 13.26 -5.75
CA TYR A 406 2.28 13.74 -5.96
C TYR A 406 1.88 13.55 -7.42
N TRP A 407 0.57 13.53 -7.60
CA TRP A 407 -0.09 13.70 -8.91
C TRP A 407 -0.30 15.18 -9.16
N ALA A 408 -0.16 15.58 -10.42
CA ALA A 408 -0.47 16.94 -10.89
C ALA A 408 -0.88 16.86 -12.34
N THR A 409 -1.48 17.94 -12.82
CA THR A 409 -1.89 18.11 -14.24
C THR A 409 -0.86 18.96 -14.98
N SER A 410 -0.96 18.95 -16.29
CA SER A 410 -0.08 19.75 -17.18
C SER A 410 -0.37 21.24 -17.01
N ASP A 411 0.64 22.07 -17.30
CA ASP A 411 0.45 23.54 -17.36
C ASP A 411 -0.80 23.84 -18.20
N GLY A 412 -1.61 24.77 -17.72
CA GLY A 412 -2.83 25.22 -18.43
C GLY A 412 -4.06 24.44 -17.98
N LYS A 413 -3.90 23.37 -17.20
CA LYS A 413 -5.04 22.59 -16.68
C LYS A 413 -5.16 22.80 -15.17
N LYS A 414 -6.07 23.68 -14.76
CA LYS A 414 -6.14 24.12 -13.34
C LYS A 414 -6.99 23.17 -12.51
N SER A 415 -7.65 22.19 -13.12
CA SER A 415 -8.55 21.25 -12.41
C SER A 415 -8.33 19.85 -12.95
N GLY A 416 -8.44 18.84 -12.09
CA GLY A 416 -8.38 17.45 -12.53
C GLY A 416 -9.31 16.59 -11.72
N GLU A 417 -9.57 15.38 -12.22
CA GLU A 417 -10.44 14.39 -11.55
C GLU A 417 -9.62 13.15 -11.24
N ILE A 418 -9.93 12.55 -10.10
CA ILE A 418 -9.36 11.26 -9.64
C ILE A 418 -10.50 10.25 -9.57
N LEU A 419 -10.35 9.12 -10.24
CA LEU A 419 -11.32 8.01 -10.13
C LEU A 419 -10.72 6.91 -9.26
N ILE A 420 -11.33 6.67 -8.13
CA ILE A 420 -10.97 5.54 -7.25
C ILE A 420 -12.00 4.44 -7.53
N ASP A 421 -11.56 3.34 -8.13
CA ASP A 421 -12.41 2.13 -8.27
C ASP A 421 -12.06 1.21 -7.10
N LEU A 422 -13.01 0.90 -6.24
CA LEU A 422 -12.78 0.11 -5.01
C LEU A 422 -12.76 -1.39 -5.35
N GLY A 423 -13.10 -1.74 -6.59
CA GLY A 423 -12.91 -3.10 -7.12
C GLY A 423 -14.07 -4.03 -6.80
N LYS A 424 -15.02 -3.58 -5.99
CA LYS A 424 -16.28 -4.29 -5.65
C LYS A 424 -17.15 -3.31 -4.87
N GLU A 425 -18.40 -3.63 -4.61
CA GLU A 425 -19.26 -2.80 -3.73
C GLU A 425 -18.62 -2.84 -2.33
N THR A 426 -18.33 -1.66 -1.79
CA THR A 426 -17.46 -1.50 -0.60
C THR A 426 -18.12 -0.53 0.37
N LYS A 427 -18.11 -0.88 1.65
CA LYS A 427 -18.56 0.02 2.73
C LYS A 427 -17.42 0.99 3.09
N PHE A 428 -17.72 2.27 3.19
CA PHE A 428 -16.74 3.28 3.62
C PHE A 428 -17.47 4.44 4.28
N ASP A 429 -16.73 5.27 5.00
CA ASP A 429 -17.32 6.50 5.57
C ASP A 429 -16.29 7.62 5.71
N VAL A 430 -15.07 7.44 5.24
CA VAL A 430 -14.07 8.55 5.27
C VAL A 430 -13.32 8.59 3.94
N VAL A 431 -13.26 9.76 3.32
CA VAL A 431 -12.38 10.01 2.16
C VAL A 431 -11.32 11.01 2.60
N SER A 432 -10.07 10.68 2.35
CA SER A 432 -8.89 11.44 2.81
C SER A 432 -8.18 12.01 1.59
N ILE A 433 -7.84 13.30 1.63
CA ILE A 433 -7.13 13.97 0.52
C ILE A 433 -6.03 14.85 1.10
N GLU A 434 -4.81 14.75 0.62
CA GLU A 434 -3.67 15.55 1.12
C GLU A 434 -3.05 16.29 -0.04
N GLU A 435 -3.06 17.61 0.03
CA GLU A 435 -2.42 18.49 -0.98
C GLU A 435 -0.91 18.53 -0.71
N ALA A 436 -0.08 18.65 -1.74
CA ALA A 436 1.38 18.65 -1.59
C ALA A 436 1.80 20.04 -1.09
N ILE A 437 1.50 20.35 0.16
CA ILE A 437 1.62 21.73 0.69
C ILE A 437 3.08 22.17 0.81
N GLN A 438 4.06 21.28 0.70
CA GLN A 438 5.46 21.73 0.57
C GLN A 438 5.61 22.71 -0.59
N ASN A 439 4.72 22.66 -1.57
CA ASN A 439 4.79 23.53 -2.77
C ASN A 439 3.73 24.62 -2.69
N GLY A 440 3.03 24.71 -1.57
CA GLY A 440 1.99 25.72 -1.33
C GLY A 440 0.63 25.10 -1.10
N GLN A 441 -0.25 25.87 -0.48
CA GLN A 441 -1.68 25.54 -0.42
C GLN A 441 -2.40 26.41 -1.43
N ARG A 442 -2.98 25.79 -2.46
CA ARG A 442 -3.55 26.57 -3.61
C ARG A 442 -4.89 26.03 -4.06
N ILE A 443 -5.26 24.79 -3.75
CA ILE A 443 -6.57 24.24 -4.17
C ILE A 443 -7.69 25.07 -3.54
N ASN A 444 -8.64 25.54 -4.36
CA ASN A 444 -9.74 26.39 -3.86
C ASN A 444 -11.11 25.83 -4.22
N ASN A 445 -11.19 24.65 -4.80
CA ASN A 445 -12.46 23.92 -4.92
C ASN A 445 -12.17 22.43 -4.93
N TYR A 446 -13.00 21.67 -4.25
CA TYR A 446 -12.97 20.20 -4.33
C TYR A 446 -14.40 19.69 -4.30
N LYS A 447 -14.55 18.49 -4.82
CA LYS A 447 -15.84 17.76 -4.83
C LYS A 447 -15.54 16.28 -4.70
N VAL A 448 -16.31 15.57 -3.88
CA VAL A 448 -16.20 14.10 -3.72
C VAL A 448 -17.59 13.54 -4.00
N GLU A 449 -17.64 12.57 -4.90
CA GLU A 449 -18.90 11.94 -5.37
C GLU A 449 -18.69 10.44 -5.42
N TYR A 450 -19.77 9.68 -5.44
CA TYR A 450 -19.63 8.20 -5.49
C TYR A 450 -20.78 7.60 -6.30
N ARG A 451 -20.59 6.37 -6.72
CA ARG A 451 -21.68 5.61 -7.38
C ARG A 451 -21.45 4.12 -7.24
N ASN A 452 -22.52 3.38 -7.48
CA ASN A 452 -22.46 1.93 -7.75
C ASN A 452 -22.03 1.74 -9.21
N GLY A 453 -21.43 0.60 -9.51
CA GLY A 453 -21.04 0.25 -10.88
C GLY A 453 -19.98 1.19 -11.42
N ASP A 454 -19.88 1.26 -12.74
CA ASP A 454 -18.79 1.97 -13.47
C ASP A 454 -19.39 2.92 -14.52
N SER A 455 -20.64 3.31 -14.34
CA SER A 455 -21.36 4.21 -15.26
C SER A 455 -22.52 4.86 -14.51
N GLY A 456 -23.11 5.87 -15.14
CA GLY A 456 -24.34 6.51 -14.67
C GLY A 456 -24.02 7.59 -13.66
N THR A 457 -25.05 8.10 -13.02
CA THR A 457 -24.97 9.39 -12.31
C THR A 457 -24.23 9.22 -10.99
N TRP A 458 -23.63 10.32 -10.56
CA TRP A 458 -22.83 10.41 -9.33
C TRP A 458 -23.70 10.95 -8.19
N THR A 459 -23.45 10.47 -6.98
CA THR A 459 -24.07 11.00 -5.74
C THR A 459 -23.04 11.88 -5.03
N LEU A 460 -23.44 13.08 -4.62
CA LEU A 460 -22.53 14.03 -3.93
C LEU A 460 -22.27 13.52 -2.51
N LEU A 461 -21.00 13.41 -2.12
CA LEU A 461 -20.61 13.16 -0.71
C LEU A 461 -20.33 14.50 -0.05
N GLU A 462 -19.45 15.31 -0.65
CA GLU A 462 -19.06 16.60 -0.03
C GLU A 462 -18.47 17.50 -1.12
N GLU A 463 -18.67 18.80 -0.99
CA GLU A 463 -17.92 19.79 -1.81
C GLU A 463 -17.52 20.93 -0.90
N GLY A 464 -16.41 21.58 -1.25
CA GLY A 464 -15.91 22.71 -0.46
C GLY A 464 -14.78 23.40 -1.18
N LYS A 465 -13.95 24.12 -0.44
CA LYS A 465 -12.91 24.99 -1.03
C LYS A 465 -11.53 24.35 -0.86
N THR A 466 -11.09 24.10 0.37
CA THR A 466 -9.65 23.82 0.62
C THR A 466 -9.35 22.34 0.80
N ILE A 467 -8.12 21.98 0.52
CA ILE A 467 -7.57 20.66 0.93
C ILE A 467 -6.48 20.90 1.98
N GLY A 468 -5.34 21.46 1.58
CA GLY A 468 -4.24 21.70 2.53
C GLY A 468 -3.61 20.40 2.99
N ALA A 469 -3.04 20.36 4.19
CA ALA A 469 -2.27 19.18 4.63
C ALA A 469 -3.15 17.95 4.64
N LYS A 470 -4.39 18.11 5.08
CA LYS A 470 -5.35 16.99 5.15
C LYS A 470 -6.78 17.51 5.12
N ARG A 471 -7.56 16.93 4.23
CA ARG A 471 -9.02 17.02 4.17
C ARG A 471 -9.56 15.64 4.51
N LEU A 472 -10.39 15.53 5.54
CA LEU A 472 -11.16 14.29 5.80
C LEU A 472 -12.62 14.62 5.53
N CYS A 473 -13.23 13.86 4.62
CA CYS A 473 -14.68 13.92 4.35
C CYS A 473 -15.33 12.74 5.09
N ARG A 474 -15.98 13.00 6.21
CA ARG A 474 -16.60 11.95 7.06
C ARG A 474 -18.10 11.99 6.77
N THR A 475 -18.66 10.82 6.46
CA THR A 475 -20.10 10.69 6.19
C THR A 475 -20.63 9.50 6.99
N SER A 476 -21.92 9.20 6.82
CA SER A 476 -22.53 7.97 7.38
C SER A 476 -22.05 6.79 6.52
N GLU A 477 -22.13 5.57 7.06
CA GLU A 477 -21.70 4.37 6.31
C GLU A 477 -22.36 4.38 4.93
N THR A 478 -21.55 4.29 3.88
CA THR A 478 -21.97 4.39 2.47
C THR A 478 -21.44 3.17 1.73
N THR A 479 -22.21 2.66 0.77
CA THR A 479 -21.75 1.56 -0.10
C THR A 479 -21.56 2.14 -1.51
N ALA A 480 -20.41 1.91 -2.11
CA ALA A 480 -20.13 2.38 -3.49
C ALA A 480 -19.11 1.46 -4.13
N ARG A 481 -19.02 1.52 -5.44
CA ARG A 481 -17.93 0.87 -6.20
C ARG A 481 -16.87 1.90 -6.57
N GLN A 482 -17.31 3.12 -6.91
CA GLN A 482 -16.38 4.17 -7.41
C GLN A 482 -16.58 5.47 -6.64
N ILE A 483 -15.48 6.17 -6.43
CA ILE A 483 -15.44 7.53 -5.82
C ILE A 483 -14.69 8.42 -6.79
N LYS A 484 -15.26 9.58 -7.11
CA LYS A 484 -14.60 10.57 -7.98
C LYS A 484 -14.31 11.81 -7.15
N ILE A 485 -13.05 12.23 -7.17
CA ILE A 485 -12.59 13.45 -6.49
C ILE A 485 -12.22 14.47 -7.56
N THR A 486 -12.79 15.67 -7.48
CA THR A 486 -12.40 16.80 -8.35
C THR A 486 -11.64 17.79 -7.48
N VAL A 487 -10.47 18.25 -7.93
CA VAL A 487 -9.71 19.33 -7.25
C VAL A 487 -9.27 20.35 -8.28
N GLY A 488 -9.36 21.62 -7.90
CA GLY A 488 -9.06 22.74 -8.81
C GLY A 488 -8.41 23.88 -8.06
N THR A 489 -7.63 24.66 -8.79
CA THR A 489 -6.94 25.86 -8.30
C THR A 489 -7.24 27.00 -9.26
N CYS A 490 -6.57 28.13 -9.07
CA CYS A 490 -6.82 29.33 -9.90
C CYS A 490 -6.13 29.21 -11.25
N ASP A 491 -6.54 30.06 -12.18
CA ASP A 491 -5.87 30.18 -13.49
C ASP A 491 -4.36 30.31 -13.31
N GLY A 492 -3.61 29.59 -14.13
CA GLY A 492 -2.14 29.71 -14.20
C GLY A 492 -1.43 28.81 -13.19
N LYS A 493 -2.17 28.00 -12.44
CA LYS A 493 -1.60 27.02 -11.48
C LYS A 493 -2.23 25.65 -11.73
N VAL A 494 -1.59 24.61 -11.19
CA VAL A 494 -2.10 23.21 -11.30
C VAL A 494 -2.18 22.65 -9.89
N PRO A 495 -3.14 21.75 -9.64
CA PRO A 495 -3.26 21.09 -8.33
C PRO A 495 -2.18 20.02 -8.18
N MET A 496 -1.77 19.83 -6.93
CA MET A 496 -0.78 18.79 -6.55
C MET A 496 -1.32 18.00 -5.36
N ILE A 497 -1.53 16.70 -5.54
CA ILE A 497 -2.09 15.82 -4.48
C ILE A 497 -1.06 14.77 -4.12
N SER A 498 -0.58 14.77 -2.88
CA SER A 498 0.49 13.83 -2.47
C SER A 498 -0.07 12.49 -2.00
N GLU A 499 -1.28 12.46 -1.41
CA GLU A 499 -1.86 11.18 -0.94
C GLU A 499 -3.38 11.28 -0.96
N ILE A 500 -4.05 10.17 -1.23
CA ILE A 500 -5.51 10.02 -1.00
C ILE A 500 -5.76 8.68 -0.33
N GLY A 501 -6.94 8.56 0.27
CA GLY A 501 -7.38 7.27 0.82
C GLY A 501 -8.86 7.22 1.02
N VAL A 502 -9.36 6.00 1.15
CA VAL A 502 -10.78 5.68 1.46
C VAL A 502 -10.78 4.68 2.61
N TYR A 503 -11.58 4.96 3.63
CA TYR A 503 -11.53 4.17 4.87
C TYR A 503 -12.93 3.89 5.39
N LYS A 504 -13.05 2.79 6.12
CA LYS A 504 -14.20 2.52 7.01
C LYS A 504 -13.70 2.69 8.43
N SER A 505 -14.25 3.68 9.12
CA SER A 505 -13.81 4.02 10.50
C SER A 505 -14.23 2.93 11.49
N THR A 506 -13.57 2.92 12.64
CA THR A 506 -13.99 2.09 13.79
C THR A 506 -15.37 2.54 14.25
N GLU A 507 -16.03 1.69 15.02
CA GLU A 507 -17.36 1.96 15.59
C GLU A 507 -17.33 3.30 16.35
N ASP A 508 -16.29 3.54 17.16
CA ASP A 508 -16.26 4.73 18.05
C ASP A 508 -15.76 5.98 17.32
N MET A 509 -15.41 5.89 16.05
N MET A 509 -15.41 5.89 16.04
CA MET A 509 -15.07 7.07 15.21
CA MET A 509 -15.07 7.07 15.20
C MET A 509 -16.17 7.37 14.18
C MET A 509 -16.17 7.36 14.18
N GLU A 510 -17.23 6.56 14.12
CA GLU A 510 -18.36 6.77 13.18
C GLU A 510 -19.10 8.07 13.47
N LYS A 511 -19.60 8.71 12.42
CA LYS A 511 -20.38 9.97 12.54
C LYS A 511 -21.62 9.68 13.36
N PRO A 512 -21.93 10.49 14.39
CA PRO A 512 -23.09 10.25 15.25
C PRO A 512 -24.39 10.05 14.45
N ASN B 7 14.11 -6.72 18.60
CA ASN B 7 13.17 -5.56 18.59
C ASN B 7 12.41 -5.51 17.26
N TRP B 8 11.18 -5.97 17.29
CA TRP B 8 10.39 -6.15 16.06
C TRP B 8 9.73 -4.84 15.66
N ILE B 9 9.65 -4.58 14.35
N ILE B 9 9.61 -4.59 14.35
CA ILE B 9 9.14 -3.30 13.78
CA ILE B 9 9.14 -3.29 13.81
C ILE B 9 7.75 -3.57 13.20
C ILE B 9 7.77 -3.52 13.15
N GLY B 10 6.75 -2.80 13.63
CA GLY B 10 5.40 -2.85 13.05
C GLY B 10 5.17 -1.69 12.10
N ASP B 11 3.89 -1.35 11.88
CA ASP B 11 3.48 -0.31 10.92
C ASP B 11 3.51 1.09 11.53
N GLU B 12 3.61 1.21 12.85
CA GLU B 12 3.37 2.51 13.54
C GLU B 12 4.61 3.41 13.42
N ASN B 13 4.39 4.73 13.31
CA ASN B 13 5.47 5.75 13.46
C ASN B 13 6.54 5.57 12.38
N LEU B 14 6.19 5.07 11.19
CA LEU B 14 7.13 5.01 10.05
C LEU B 14 7.04 6.33 9.29
N THR B 15 8.11 7.11 9.33
CA THR B 15 8.16 8.48 8.80
C THR B 15 9.40 8.68 7.92
N GLY B 16 10.12 7.60 7.61
CA GLY B 16 11.40 7.68 6.88
C GLY B 16 11.23 7.81 5.38
N ASN B 17 12.33 7.68 4.66
CA ASN B 17 12.38 7.84 3.18
C ASN B 17 13.32 6.78 2.63
N ALA B 18 13.03 6.35 1.41
CA ALA B 18 13.87 5.39 0.66
C ALA B 18 13.46 5.48 -0.81
N GLU B 19 14.42 5.29 -1.71
CA GLU B 19 14.16 5.01 -3.13
C GLU B 19 13.70 3.56 -3.25
N ALA B 20 12.96 3.22 -4.30
CA ALA B 20 12.59 1.82 -4.58
C ALA B 20 13.87 1.01 -4.73
N PRO B 21 13.89 -0.25 -4.26
CA PRO B 21 14.97 -1.15 -4.60
C PRO B 21 15.18 -1.16 -6.11
N ALA B 22 16.43 -1.29 -6.55
CA ALA B 22 16.76 -1.52 -7.96
C ALA B 22 16.07 -2.81 -8.41
N LYS B 23 15.46 -2.79 -9.59
CA LYS B 23 14.92 -4.04 -10.20
C LYS B 23 16.08 -4.92 -10.64
N ASP B 24 15.86 -6.22 -10.69
CA ASP B 24 16.79 -7.14 -11.37
C ASP B 24 16.83 -6.77 -12.86
N ASP B 25 17.89 -7.17 -13.55
CA ASP B 25 18.02 -6.97 -15.02
C ASP B 25 16.98 -7.83 -15.75
N VAL B 26 16.59 -8.97 -15.18
CA VAL B 26 15.64 -9.90 -15.83
C VAL B 26 14.34 -9.91 -15.04
N VAL B 27 13.27 -9.42 -15.66
CA VAL B 27 11.95 -9.31 -14.99
C VAL B 27 10.89 -9.85 -15.93
N PRO B 28 9.72 -10.25 -15.41
CA PRO B 28 8.63 -10.71 -16.26
C PRO B 28 8.02 -9.53 -17.01
N ASP B 29 7.57 -9.80 -18.24
CA ASP B 29 6.72 -8.82 -18.96
C ASP B 29 5.32 -8.87 -18.35
N LYS B 30 4.43 -8.00 -18.80
N LYS B 30 4.43 -8.00 -18.81
CA LYS B 30 3.12 -7.83 -18.13
CA LYS B 30 3.13 -7.83 -18.14
C LYS B 30 2.27 -9.10 -18.28
C LYS B 30 2.27 -9.09 -18.27
N ASN B 31 2.37 -9.81 -19.39
CA ASN B 31 1.62 -11.08 -19.57
C ASN B 31 2.19 -12.15 -18.62
N GLN B 32 3.51 -12.25 -18.55
CA GLN B 32 4.15 -13.29 -17.73
C GLN B 32 3.81 -13.04 -16.27
N PHE B 33 3.88 -11.80 -15.84
CA PHE B 33 3.54 -11.45 -14.44
C PHE B 33 2.08 -11.81 -14.16
N ARG B 34 1.16 -11.38 -15.02
CA ARG B 34 -0.26 -11.71 -14.79
C ARG B 34 -0.45 -13.23 -14.72
N TYR B 35 0.20 -13.99 -15.61
CA TYR B 35 0.01 -15.44 -15.64
C TYR B 35 0.50 -16.05 -14.31
N GLN B 36 1.70 -15.67 -13.89
CA GLN B 36 2.27 -16.22 -12.64
C GLN B 36 1.34 -15.87 -11.46
N LYS B 37 0.69 -14.70 -11.44
CA LYS B 37 -0.22 -14.38 -10.31
C LYS B 37 -1.60 -15.02 -10.50
N GLU B 38 -2.01 -15.38 -11.71
CA GLU B 38 -3.25 -16.16 -11.93
C GLU B 38 -3.11 -17.58 -11.37
N GLU B 39 -1.93 -18.19 -11.50
CA GLU B 39 -1.56 -19.52 -10.96
C GLU B 39 -2.22 -20.69 -11.71
N LEU B 40 -3.53 -20.60 -11.99
CA LEU B 40 -4.35 -21.71 -12.55
C LEU B 40 -4.79 -21.40 -13.98
N ALA B 41 -4.50 -22.35 -14.86
CA ALA B 41 -4.97 -22.33 -16.27
C ALA B 41 -5.55 -23.69 -16.57
N ALA B 42 -6.44 -23.71 -17.54
CA ALA B 42 -7.07 -24.96 -18.00
C ALA B 42 -6.64 -25.25 -19.43
N PHE B 43 -6.50 -26.54 -19.70
CA PHE B 43 -6.26 -27.07 -21.07
C PHE B 43 -7.57 -27.70 -21.53
N CYS B 44 -7.85 -27.62 -22.83
CA CYS B 44 -9.01 -28.26 -23.45
C CYS B 44 -8.53 -29.02 -24.68
N HIS B 45 -8.33 -30.34 -24.52
CA HIS B 45 -8.07 -31.24 -25.67
C HIS B 45 -9.40 -31.78 -26.18
N PHE B 46 -9.68 -31.51 -27.45
CA PHE B 46 -10.95 -31.91 -28.11
C PHE B 46 -10.71 -31.98 -29.61
N GLY B 47 -11.16 -33.06 -30.21
CA GLY B 47 -11.02 -33.28 -31.66
C GLY B 47 -11.35 -34.71 -32.00
N PRO B 48 -10.89 -35.22 -33.15
CA PRO B 48 -11.24 -36.58 -33.53
C PRO B 48 -10.85 -37.63 -32.48
N ASN B 49 -9.75 -37.39 -31.77
CA ASN B 49 -9.27 -38.40 -30.80
C ASN B 49 -10.33 -38.66 -29.73
N THR B 50 -11.11 -37.65 -29.37
CA THR B 50 -12.24 -37.76 -28.41
C THR B 50 -13.21 -38.86 -28.85
N PHE B 51 -13.32 -39.08 -30.16
CA PHE B 51 -14.31 -40.03 -30.76
C PHE B 51 -13.68 -41.37 -31.08
N ASN B 52 -12.37 -41.55 -30.87
CA ASN B 52 -11.64 -42.72 -31.41
C ASN B 52 -10.75 -43.38 -30.36
N GLU B 53 -10.98 -43.11 -29.08
CA GLU B 53 -10.37 -43.92 -27.98
C GLU B 53 -8.85 -43.98 -28.17
N ILE B 54 -8.20 -42.83 -28.38
CA ILE B 54 -6.76 -42.80 -28.70
C ILE B 54 -6.20 -41.46 -28.23
N GLU B 55 -4.91 -41.41 -27.94
CA GLU B 55 -4.25 -40.18 -27.46
C GLU B 55 -3.55 -39.44 -28.61
N TRP B 56 -2.94 -40.19 -29.53
CA TRP B 56 -2.30 -39.65 -30.74
C TRP B 56 -3.03 -40.21 -31.95
N GLY B 57 -3.64 -39.34 -32.75
CA GLY B 57 -4.43 -39.74 -33.92
C GLY B 57 -3.51 -40.00 -35.10
N GLU B 58 -2.77 -41.10 -35.06
CA GLU B 58 -1.72 -41.38 -36.08
C GLU B 58 -2.26 -42.22 -37.24
N HIS B 59 -3.47 -42.73 -37.14
CA HIS B 59 -3.92 -43.84 -38.01
C HIS B 59 -5.25 -43.53 -38.72
N TYR B 60 -5.61 -42.27 -38.89
CA TYR B 60 -6.88 -41.91 -39.56
C TYR B 60 -6.76 -42.11 -41.06
N GLY B 61 -5.55 -41.99 -41.61
CA GLY B 61 -5.32 -42.14 -43.07
C GLY B 61 -6.26 -41.27 -43.88
N ASN B 62 -6.97 -41.86 -44.84
CA ASN B 62 -7.82 -41.10 -45.79
C ASN B 62 -9.27 -41.06 -45.31
N GLN B 63 -9.53 -41.38 -44.04
CA GLN B 63 -10.92 -41.30 -43.53
C GLN B 63 -11.39 -39.86 -43.65
N LYS B 64 -12.69 -39.67 -43.91
CA LYS B 64 -13.26 -38.32 -44.06
C LYS B 64 -13.38 -37.66 -42.69
N PRO B 65 -13.35 -36.31 -42.63
CA PRO B 65 -13.71 -35.60 -41.42
C PRO B 65 -15.01 -36.10 -40.76
N SER B 66 -16.03 -36.40 -41.54
CA SER B 66 -17.35 -36.86 -41.04
C SER B 66 -17.23 -38.24 -40.36
N GLU B 67 -16.22 -39.04 -40.73
CA GLU B 67 -16.03 -40.38 -40.15
C GLU B 67 -15.28 -40.31 -38.82
N ILE B 68 -14.38 -39.33 -38.67
CA ILE B 68 -13.47 -39.30 -37.47
C ILE B 68 -13.97 -38.29 -36.44
N PHE B 69 -14.78 -37.32 -36.83
CA PHE B 69 -15.30 -36.27 -35.93
C PHE B 69 -16.82 -36.31 -36.01
N THR B 70 -17.45 -37.06 -35.12
CA THR B 70 -18.85 -37.51 -35.30
C THR B 70 -19.80 -36.81 -34.33
N LEU B 71 -19.40 -35.66 -33.78
CA LEU B 71 -20.22 -34.96 -32.76
C LEU B 71 -21.62 -34.67 -33.31
N LYS B 72 -22.65 -35.10 -32.56
CA LYS B 72 -24.09 -35.09 -32.96
C LYS B 72 -24.87 -34.03 -32.20
N ASN B 73 -24.28 -33.40 -31.20
CA ASN B 73 -24.93 -32.41 -30.32
C ASN B 73 -24.15 -31.09 -30.43
N ASP B 74 -24.85 -29.99 -30.22
CA ASP B 74 -24.22 -28.66 -30.10
C ASP B 74 -23.18 -28.71 -28.98
N PHE B 75 -21.94 -28.36 -29.29
CA PHE B 75 -20.84 -28.31 -28.30
C PHE B 75 -21.22 -27.36 -27.16
N ASP B 76 -21.11 -27.83 -25.92
CA ASP B 76 -21.54 -27.04 -24.75
C ASP B 76 -20.34 -26.26 -24.19
N ALA B 77 -19.98 -25.15 -24.82
CA ALA B 77 -18.84 -24.35 -24.35
C ALA B 77 -19.20 -23.62 -23.05
N GLU B 78 -20.47 -23.26 -22.86
CA GLU B 78 -20.88 -22.40 -21.73
C GLU B 78 -20.69 -23.14 -20.42
N THR B 79 -21.09 -24.41 -20.33
CA THR B 79 -20.95 -25.14 -19.05
C THR B 79 -19.47 -25.30 -18.72
N LEU B 80 -18.65 -25.67 -19.70
CA LEU B 80 -17.21 -25.87 -19.48
C LEU B 80 -16.60 -24.57 -18.94
N VAL B 81 -16.81 -23.46 -19.63
CA VAL B 81 -16.13 -22.20 -19.26
C VAL B 81 -16.65 -21.70 -17.90
N LYS B 82 -17.95 -21.78 -17.66
CA LYS B 82 -18.51 -21.34 -16.36
C LYS B 82 -17.94 -22.20 -15.24
N THR B 83 -17.82 -23.51 -15.44
CA THR B 83 -17.32 -24.39 -14.37
C THR B 83 -15.87 -24.00 -14.07
N LEU B 84 -15.07 -23.85 -15.11
CA LEU B 84 -13.65 -23.49 -14.92
C LEU B 84 -13.52 -22.12 -14.26
N LYS B 85 -14.29 -21.14 -14.69
CA LYS B 85 -14.19 -19.78 -14.12
C LYS B 85 -14.56 -19.83 -12.64
N ASP B 86 -15.65 -20.52 -12.31
CA ASP B 86 -16.10 -20.60 -10.89
C ASP B 86 -15.04 -21.29 -10.03
N ALA B 87 -14.25 -22.19 -10.60
CA ALA B 87 -13.21 -22.95 -9.86
C ALA B 87 -11.89 -22.19 -9.77
N GLY B 88 -11.80 -20.99 -10.36
CA GLY B 88 -10.63 -20.12 -10.22
C GLY B 88 -9.65 -20.21 -11.38
N PHE B 89 -9.99 -20.93 -12.45
CA PHE B 89 -9.10 -20.98 -13.63
C PHE B 89 -9.25 -19.67 -14.39
N LYS B 90 -8.11 -19.13 -14.83
CA LYS B 90 -8.11 -17.76 -15.42
C LYS B 90 -7.80 -17.77 -16.92
N LYS B 91 -7.58 -18.94 -17.49
CA LYS B 91 -7.25 -19.05 -18.91
C LYS B 91 -7.63 -20.44 -19.37
N LEU B 92 -8.04 -20.53 -20.62
CA LEU B 92 -8.34 -21.80 -21.29
C LEU B 92 -7.50 -21.87 -22.56
N ILE B 93 -6.65 -22.91 -22.64
CA ILE B 93 -5.81 -23.17 -23.84
C ILE B 93 -6.50 -24.29 -24.61
N VAL B 94 -6.87 -23.99 -25.85
CA VAL B 94 -7.70 -24.91 -26.67
C VAL B 94 -6.86 -25.56 -27.76
N THR B 95 -7.05 -26.85 -27.98
CA THR B 95 -6.43 -27.56 -29.13
C THR B 95 -7.22 -27.23 -30.38
N ALA B 96 -6.83 -26.15 -31.04
CA ALA B 96 -7.41 -25.81 -32.35
C ALA B 96 -7.07 -26.92 -33.35
N LYS B 97 -5.88 -27.49 -33.22
CA LYS B 97 -5.41 -28.58 -34.11
C LYS B 97 -4.41 -29.41 -33.32
N HIS B 98 -4.66 -30.69 -33.20
CA HIS B 98 -3.70 -31.63 -32.58
C HIS B 98 -2.81 -32.24 -33.67
N HIS B 99 -2.00 -33.23 -33.33
CA HIS B 99 -1.01 -33.79 -34.28
C HIS B 99 -1.72 -34.39 -35.49
N ASP B 100 -2.92 -34.92 -35.31
CA ASP B 100 -3.69 -35.53 -36.42
C ASP B 100 -3.96 -34.50 -37.54
N GLY B 101 -3.90 -33.19 -37.26
CA GLY B 101 -4.13 -32.16 -38.28
C GLY B 101 -5.57 -31.72 -38.43
N PHE B 102 -6.51 -32.33 -37.73
CA PHE B 102 -7.93 -31.93 -37.85
C PHE B 102 -8.14 -30.59 -37.16
N CYS B 103 -8.72 -29.65 -37.89
CA CYS B 103 -8.90 -28.26 -37.40
C CYS B 103 -10.32 -28.09 -36.86
N ILE B 104 -10.45 -27.65 -35.60
CA ILE B 104 -11.81 -27.53 -34.97
C ILE B 104 -12.32 -26.10 -35.15
N TRP B 105 -11.79 -25.36 -36.12
CA TRP B 105 -12.37 -24.10 -36.62
C TRP B 105 -12.61 -24.25 -38.11
N ASP B 106 -13.42 -23.37 -38.68
CA ASP B 106 -13.72 -23.40 -40.14
C ASP B 106 -12.57 -22.75 -40.89
N SER B 107 -11.69 -23.56 -41.47
CA SER B 107 -10.43 -23.09 -42.10
C SER B 107 -10.54 -23.10 -43.62
N GLU B 108 -10.22 -21.98 -44.26
N GLU B 108 -10.19 -21.98 -44.26
CA GLU B 108 -10.18 -21.91 -45.74
CA GLU B 108 -10.16 -21.88 -45.74
C GLU B 108 -8.93 -22.64 -46.26
C GLU B 108 -8.83 -22.43 -46.28
N HIS B 109 -7.95 -22.94 -45.40
CA HIS B 109 -6.64 -23.49 -45.80
C HIS B 109 -6.64 -25.01 -45.84
N THR B 110 -7.71 -25.65 -45.38
CA THR B 110 -7.81 -27.12 -45.40
C THR B 110 -9.27 -27.55 -45.45
N GLU B 111 -9.50 -28.71 -46.04
CA GLU B 111 -10.81 -29.40 -45.99
C GLU B 111 -10.86 -30.34 -44.79
N TYR B 112 -9.76 -30.46 -44.04
CA TYR B 112 -9.70 -31.42 -42.91
C TYR B 112 -10.11 -30.68 -41.63
N ASP B 113 -11.38 -30.34 -41.55
CA ASP B 113 -11.84 -29.45 -40.46
C ASP B 113 -13.30 -29.70 -40.10
N VAL B 114 -13.73 -29.02 -39.06
CA VAL B 114 -15.07 -29.26 -38.48
C VAL B 114 -16.15 -28.84 -39.49
N LYS B 115 -15.89 -27.87 -40.35
CA LYS B 115 -16.89 -27.49 -41.39
C LYS B 115 -17.15 -28.70 -42.30
N ALA B 116 -16.12 -29.42 -42.71
CA ALA B 116 -16.27 -30.59 -43.61
C ALA B 116 -16.91 -31.78 -42.89
N SER B 117 -16.90 -31.82 -41.54
CA SER B 117 -17.31 -33.00 -40.74
C SER B 117 -18.83 -33.16 -40.77
N GLY B 118 -19.57 -32.10 -41.07
CA GLY B 118 -21.04 -32.12 -40.99
C GLY B 118 -21.57 -31.59 -39.67
N TYR B 119 -20.71 -31.41 -38.65
CA TYR B 119 -21.12 -30.81 -37.37
C TYR B 119 -21.80 -29.46 -37.62
N LYS B 120 -22.93 -29.22 -36.96
CA LYS B 120 -23.58 -27.88 -36.92
C LYS B 120 -24.11 -27.62 -35.52
N ASN B 121 -24.01 -26.39 -35.04
CA ASN B 121 -24.59 -25.98 -33.75
C ASN B 121 -26.06 -25.57 -33.96
N LYS B 122 -26.72 -25.11 -32.89
CA LYS B 122 -28.16 -24.72 -32.90
C LYS B 122 -28.41 -23.72 -34.03
N ASN B 123 -27.44 -22.86 -34.33
CA ASN B 123 -27.53 -21.72 -35.29
C ASN B 123 -27.02 -22.13 -36.67
N GLY B 124 -26.71 -23.41 -36.91
CA GLY B 124 -26.27 -23.92 -38.21
C GLY B 124 -24.82 -23.54 -38.52
N GLU B 125 -24.04 -23.15 -37.52
CA GLU B 125 -22.60 -22.77 -37.70
C GLU B 125 -21.74 -24.00 -37.39
N SER B 126 -20.54 -24.07 -37.93
CA SER B 126 -19.61 -25.22 -37.78
C SER B 126 -18.23 -24.74 -37.37
N ASP B 127 -18.09 -24.29 -36.12
CA ASP B 127 -16.79 -23.73 -35.66
C ASP B 127 -16.72 -23.84 -34.14
N ILE B 128 -16.10 -24.91 -33.66
CA ILE B 128 -15.99 -25.19 -32.19
C ILE B 128 -15.11 -24.09 -31.58
N LEU B 129 -14.01 -23.71 -32.22
CA LEU B 129 -13.11 -22.68 -31.63
C LEU B 129 -13.89 -21.37 -31.47
N ALA B 130 -14.75 -21.01 -32.41
CA ALA B 130 -15.59 -19.79 -32.27
C ALA B 130 -16.57 -19.98 -31.10
N GLU B 131 -17.18 -21.16 -30.96
CA GLU B 131 -18.13 -21.36 -29.83
C GLU B 131 -17.39 -21.20 -28.49
N ILE B 132 -16.22 -21.79 -28.36
CA ILE B 132 -15.46 -21.69 -27.10
C ILE B 132 -15.06 -20.23 -26.88
N SER B 133 -14.64 -19.54 -27.94
CA SER B 133 -14.22 -18.11 -27.89
C SER B 133 -15.39 -17.25 -27.44
N LYS B 134 -16.60 -17.53 -27.91
CA LYS B 134 -17.79 -16.72 -27.49
C LYS B 134 -18.00 -16.93 -25.99
N ALA B 135 -17.94 -18.18 -25.51
CA ALA B 135 -18.15 -18.46 -24.07
C ALA B 135 -17.04 -17.81 -23.24
N CYS B 136 -15.79 -17.88 -23.70
CA CYS B 136 -14.66 -17.24 -22.98
C CYS B 136 -14.86 -15.72 -22.95
N THR B 137 -15.23 -15.13 -24.07
CA THR B 137 -15.46 -13.67 -24.14
C THR B 137 -16.56 -13.30 -23.15
N ASP B 138 -17.64 -14.07 -23.13
CA ASP B 138 -18.82 -13.73 -22.29
C ASP B 138 -18.46 -13.85 -20.80
N GLN B 139 -17.55 -14.74 -20.43
N GLN B 139 -17.54 -14.73 -20.42
CA GLN B 139 -17.14 -15.00 -19.02
CA GLN B 139 -17.18 -14.97 -19.00
C GLN B 139 -15.81 -14.33 -18.68
C GLN B 139 -15.79 -14.39 -18.70
N ASN B 140 -15.26 -13.57 -19.62
CA ASN B 140 -13.92 -12.91 -19.45
C ASN B 140 -12.88 -13.95 -19.02
N MET B 141 -12.83 -15.06 -19.75
CA MET B 141 -11.80 -16.10 -19.59
C MET B 141 -10.75 -15.87 -20.68
N ASP B 142 -9.50 -15.62 -20.29
CA ASP B 142 -8.42 -15.48 -21.29
C ASP B 142 -8.21 -16.80 -22.01
N MET B 143 -7.55 -16.73 -23.16
CA MET B 143 -7.41 -17.92 -24.03
C MET B 143 -5.98 -18.10 -24.50
N GLY B 144 -5.62 -19.36 -24.64
CA GLY B 144 -4.41 -19.78 -25.36
C GLY B 144 -4.77 -20.61 -26.57
N LEU B 145 -3.89 -20.60 -27.56
CA LEU B 145 -4.09 -21.32 -28.83
C LEU B 145 -3.06 -22.44 -28.94
N TYR B 146 -3.50 -23.68 -28.93
CA TYR B 146 -2.63 -24.85 -29.22
C TYR B 146 -2.83 -25.19 -30.69
N LEU B 147 -1.76 -25.11 -31.47
CA LEU B 147 -1.78 -25.37 -32.91
C LEU B 147 -0.59 -26.27 -33.21
N SER B 148 -0.81 -27.58 -33.32
CA SER B 148 0.30 -28.55 -33.40
C SER B 148 1.24 -28.24 -34.56
N PRO B 149 2.55 -28.01 -34.32
CA PRO B 149 3.50 -27.96 -35.42
C PRO B 149 3.52 -29.26 -36.24
N TRP B 150 3.64 -30.42 -35.58
CA TRP B 150 3.56 -31.71 -36.29
C TRP B 150 2.16 -31.87 -36.85
N ASP B 151 2.05 -32.18 -38.13
CA ASP B 151 0.74 -32.36 -38.78
C ASP B 151 0.80 -33.62 -39.64
N ILE B 152 0.08 -34.64 -39.22
CA ILE B 152 0.06 -36.00 -39.83
C ILE B 152 -0.76 -35.97 -41.12
N HIS B 153 -1.72 -35.06 -41.27
CA HIS B 153 -2.62 -35.03 -42.44
C HIS B 153 -2.13 -34.07 -43.54
N GLU B 154 -1.80 -32.84 -43.16
CA GLU B 154 -1.64 -31.73 -44.12
C GLU B 154 -0.61 -32.11 -45.18
N PRO B 155 -0.98 -32.11 -46.48
CA PRO B 155 -0.04 -32.54 -47.52
C PRO B 155 1.23 -31.69 -47.59
N SER B 156 1.18 -30.42 -47.16
CA SER B 156 2.39 -29.56 -47.23
C SER B 156 3.42 -29.98 -46.18
N TYR B 157 3.06 -30.81 -45.20
CA TYR B 157 4.02 -31.21 -44.15
C TYR B 157 5.10 -32.10 -44.79
N GLY B 158 6.36 -31.79 -44.46
CA GLY B 158 7.50 -32.58 -44.95
C GLY B 158 7.88 -32.13 -46.34
N TYR B 159 8.86 -32.80 -46.92
CA TYR B 159 9.42 -32.40 -48.22
C TYR B 159 8.94 -33.38 -49.28
N LYS B 160 8.04 -32.89 -50.14
CA LYS B 160 7.35 -33.75 -51.13
C LYS B 160 7.27 -32.99 -52.44
N ASP B 161 7.46 -33.72 -53.53
CA ASP B 161 7.43 -33.12 -54.88
C ASP B 161 5.98 -32.92 -55.32
N GLU B 162 5.82 -32.45 -56.56
CA GLU B 162 4.49 -32.09 -57.10
C GLU B 162 3.63 -33.34 -57.24
N HIS B 163 4.22 -34.54 -57.20
CA HIS B 163 3.52 -35.85 -57.30
C HIS B 163 3.23 -36.43 -55.92
N GLY B 164 3.63 -35.74 -54.85
CA GLY B 164 3.38 -36.15 -53.46
C GLY B 164 4.41 -37.12 -52.93
N ASN B 165 5.55 -37.29 -53.60
CA ASN B 165 6.56 -38.29 -53.21
C ASN B 165 7.73 -37.59 -52.53
N PRO B 166 8.39 -38.28 -51.58
CA PRO B 166 9.50 -37.67 -50.84
C PRO B 166 10.60 -37.11 -51.74
N THR B 167 11.08 -35.93 -51.33
CA THR B 167 12.13 -35.21 -52.07
C THR B 167 12.94 -34.40 -51.08
N THR B 168 13.83 -33.58 -51.61
CA THR B 168 14.67 -32.67 -50.82
C THR B 168 14.01 -31.31 -50.70
N PRO B 169 14.41 -30.49 -49.72
CA PRO B 169 13.74 -29.21 -49.48
C PRO B 169 13.62 -28.29 -50.69
N ASP B 170 14.62 -28.26 -51.56
CA ASP B 170 14.61 -27.39 -52.76
C ASP B 170 13.50 -27.77 -53.75
N LYS B 171 13.03 -29.01 -53.73
CA LYS B 171 12.03 -29.53 -54.69
C LYS B 171 10.68 -29.70 -54.02
N ASP B 172 10.56 -29.28 -52.77
CA ASP B 172 9.30 -29.34 -52.02
C ASP B 172 8.29 -28.42 -52.71
N ALA B 173 7.15 -28.96 -53.13
CA ALA B 173 6.15 -28.19 -53.91
C ALA B 173 5.33 -27.27 -53.02
N LYS B 174 5.00 -27.68 -51.80
CA LYS B 174 4.08 -26.93 -50.90
C LYS B 174 4.74 -26.76 -49.53
N ASP B 175 4.88 -25.51 -49.10
CA ASP B 175 5.66 -25.16 -47.90
C ASP B 175 4.76 -25.19 -46.67
N TYR B 176 5.00 -26.12 -45.76
CA TYR B 176 4.22 -26.20 -44.52
C TYR B 176 4.36 -24.92 -43.69
N ASN B 177 5.52 -24.26 -43.73
CA ASN B 177 5.71 -23.02 -42.94
C ASN B 177 4.72 -21.96 -43.39
N GLU B 178 4.40 -21.92 -44.67
CA GLU B 178 3.36 -20.98 -45.17
C GLU B 178 1.96 -21.42 -44.71
N PHE B 179 1.67 -22.71 -44.78
CA PHE B 179 0.35 -23.25 -44.34
C PHE B 179 0.13 -22.88 -42.87
N TYR B 180 1.11 -23.18 -42.03
CA TYR B 180 0.97 -22.94 -40.58
C TYR B 180 0.82 -21.46 -40.31
N ASN B 181 1.64 -20.64 -40.96
CA ASN B 181 1.58 -19.18 -40.82
C ASN B 181 0.19 -18.69 -41.24
N ASN B 182 -0.35 -19.23 -42.33
CA ASN B 182 -1.68 -18.81 -42.84
C ASN B 182 -2.75 -19.18 -41.82
N GLN B 183 -2.63 -20.34 -41.17
CA GLN B 183 -3.63 -20.73 -40.14
C GLN B 183 -3.49 -19.83 -38.92
N LEU B 184 -2.27 -19.47 -38.53
CA LEU B 184 -2.08 -18.50 -37.42
C LEU B 184 -2.79 -17.20 -37.79
N GLU B 185 -2.58 -16.69 -39.00
CA GLU B 185 -3.22 -15.41 -39.40
C GLU B 185 -4.73 -15.57 -39.43
N GLU B 186 -5.21 -16.70 -39.91
CA GLU B 186 -6.67 -16.93 -40.03
C GLU B 186 -7.33 -16.87 -38.67
N ILE B 187 -6.73 -17.48 -37.67
CA ILE B 187 -7.34 -17.48 -36.31
C ILE B 187 -7.06 -16.14 -35.65
N LEU B 188 -5.80 -15.77 -35.53
CA LEU B 188 -5.44 -14.60 -34.70
C LEU B 188 -5.97 -13.32 -35.33
N GLY B 189 -6.11 -13.24 -36.66
CA GLY B 189 -6.59 -12.02 -37.32
C GLY B 189 -8.10 -11.89 -37.28
N ASN B 190 -8.84 -12.88 -36.80
CA ASN B 190 -10.33 -12.86 -36.84
C ASN B 190 -10.85 -12.57 -35.43
N PRO B 191 -11.59 -11.48 -35.19
CA PRO B 191 -12.09 -11.16 -33.86
C PRO B 191 -13.02 -12.21 -33.23
N LYS B 192 -13.54 -13.14 -34.01
CA LYS B 192 -14.44 -14.16 -33.43
C LYS B 192 -13.64 -15.21 -32.65
N TYR B 193 -12.30 -15.20 -32.71
CA TYR B 193 -11.49 -16.15 -31.91
C TYR B 193 -10.73 -15.41 -30.82
N GLY B 194 -10.66 -16.03 -29.65
CA GLY B 194 -10.01 -15.45 -28.47
C GLY B 194 -11.00 -14.85 -27.50
N ASN B 195 -10.47 -14.30 -26.42
CA ASN B 195 -11.29 -13.49 -25.50
C ASN B 195 -11.36 -12.08 -26.09
N ASP B 196 -12.51 -11.71 -26.65
CA ASP B 196 -12.68 -10.41 -27.35
C ASP B 196 -11.55 -10.27 -28.37
N GLY B 197 -11.31 -11.32 -29.14
CA GLY B 197 -10.34 -11.28 -30.25
C GLY B 197 -8.92 -11.55 -29.80
N HIS B 198 -8.66 -11.79 -28.52
CA HIS B 198 -7.28 -11.81 -28.00
C HIS B 198 -6.89 -13.18 -27.44
N PHE B 199 -5.68 -13.60 -27.78
CA PHE B 199 -5.00 -14.75 -27.15
C PHE B 199 -3.76 -14.25 -26.41
N VAL B 200 -3.51 -14.76 -25.22
CA VAL B 200 -2.33 -14.36 -24.41
C VAL B 200 -1.22 -15.40 -24.50
N GLU B 201 -1.49 -16.58 -25.07
CA GLU B 201 -0.46 -17.66 -25.14
C GLU B 201 -0.69 -18.46 -26.41
N VAL B 202 0.38 -18.77 -27.12
CA VAL B 202 0.36 -19.75 -28.23
C VAL B 202 1.23 -20.94 -27.81
N TRP B 203 0.70 -22.13 -28.01
CA TRP B 203 1.31 -23.39 -27.52
C TRP B 203 1.74 -24.19 -28.75
N MET B 204 3.05 -24.29 -28.95
CA MET B 204 3.63 -25.04 -30.08
C MET B 204 4.27 -26.29 -29.53
N ALA B 205 3.52 -27.39 -29.47
CA ALA B 205 4.03 -28.68 -28.93
C ALA B 205 5.33 -29.06 -29.64
N GLY B 206 6.32 -29.51 -28.88
CA GLY B 206 7.58 -30.03 -29.47
C GLY B 206 7.46 -31.50 -29.80
N ALA B 207 6.48 -32.19 -29.24
CA ALA B 207 6.37 -33.66 -29.37
C ALA B 207 6.12 -34.03 -30.82
N LYS B 208 6.73 -35.12 -31.28
CA LYS B 208 6.62 -35.55 -32.68
C LYS B 208 6.91 -37.04 -32.74
N GLY B 209 6.21 -37.76 -33.58
CA GLY B 209 6.43 -39.22 -33.73
C GLY B 209 7.84 -39.53 -34.19
N SER B 210 8.43 -40.60 -33.68
CA SER B 210 9.86 -40.95 -33.95
C SER B 210 10.09 -41.19 -35.46
N GLY B 211 9.11 -41.71 -36.20
CA GLY B 211 9.28 -42.00 -37.64
C GLY B 211 8.68 -40.95 -38.56
N ALA B 212 8.29 -39.79 -38.03
CA ALA B 212 7.58 -38.75 -38.81
C ALA B 212 8.57 -38.11 -39.78
N ASN B 213 8.04 -37.52 -40.84
CA ASN B 213 8.81 -36.78 -41.87
C ASN B 213 9.53 -35.59 -41.24
N ALA B 214 10.75 -35.32 -41.71
CA ALA B 214 11.50 -34.11 -41.33
C ALA B 214 10.75 -32.87 -41.82
N GLN B 215 10.78 -31.83 -41.00
CA GLN B 215 10.20 -30.52 -41.37
C GLN B 215 10.82 -29.45 -40.49
N GLU B 216 11.64 -28.58 -41.08
N GLU B 216 11.67 -28.58 -41.05
CA GLU B 216 12.19 -27.39 -40.40
CA GLU B 216 12.21 -27.43 -40.28
C GLU B 216 11.07 -26.37 -40.21
C GLU B 216 11.09 -26.39 -40.19
N TYR B 217 10.89 -25.85 -39.01
CA TYR B 217 9.84 -24.85 -38.72
C TYR B 217 10.45 -23.45 -38.73
N ASP B 218 9.69 -22.52 -39.27
CA ASP B 218 10.11 -21.09 -39.37
C ASP B 218 9.49 -20.33 -38.20
N PHE B 219 10.03 -20.52 -37.00
CA PHE B 219 9.53 -19.86 -35.78
C PHE B 219 9.59 -18.34 -35.95
N LYS B 220 10.61 -17.81 -36.61
CA LYS B 220 10.74 -16.34 -36.80
C LYS B 220 9.54 -15.80 -37.57
N LYS B 221 9.15 -16.47 -38.66
CA LYS B 221 7.95 -16.08 -39.45
C LYS B 221 6.71 -16.14 -38.55
N TRP B 222 6.51 -17.26 -37.87
CA TRP B 222 5.29 -17.47 -37.05
C TRP B 222 5.25 -16.42 -35.92
N PHE B 223 6.39 -16.12 -35.30
CA PHE B 223 6.47 -15.16 -34.18
C PHE B 223 5.94 -13.81 -34.64
N LYS B 224 6.32 -13.38 -35.85
CA LYS B 224 5.89 -12.06 -36.38
C LYS B 224 4.37 -12.05 -36.54
N THR B 225 3.79 -13.11 -37.12
CA THR B 225 2.34 -13.18 -37.30
C THR B 225 1.63 -13.13 -35.95
N ILE B 226 2.18 -13.83 -34.97
CA ILE B 226 1.55 -13.88 -33.63
C ILE B 226 1.58 -12.48 -33.03
N GLN B 227 2.74 -11.82 -33.03
CA GLN B 227 2.85 -10.54 -32.30
C GLN B 227 2.15 -9.43 -33.08
N ASP B 228 2.10 -9.51 -34.40
CA ASP B 228 1.36 -8.51 -35.21
C ASP B 228 -0.13 -8.56 -34.91
N ASN B 229 -0.63 -9.69 -34.39
CA ASN B 229 -2.07 -9.85 -34.04
C ASN B 229 -2.32 -9.73 -32.54
N GLU B 230 -1.38 -10.17 -31.70
CA GLU B 230 -1.70 -10.43 -30.26
C GLU B 230 -0.62 -9.84 -29.33
N GLY B 231 0.35 -9.09 -29.85
CA GLY B 231 1.48 -8.60 -29.05
C GLY B 231 1.58 -7.09 -29.03
N LYS B 232 2.76 -6.58 -28.69
CA LYS B 232 2.93 -5.11 -28.60
C LYS B 232 2.67 -4.46 -29.96
N ALA B 233 3.05 -5.12 -31.05
CA ALA B 233 2.85 -4.57 -32.42
C ALA B 233 1.37 -4.39 -32.72
N ALA B 234 0.49 -5.14 -32.06
CA ALA B 234 -0.99 -5.05 -32.21
C ALA B 234 -1.60 -4.09 -31.18
N GLY B 235 -0.79 -3.47 -30.34
CA GLY B 235 -1.23 -2.43 -29.38
C GLY B 235 -1.48 -2.99 -27.97
N TYR B 236 -1.18 -4.27 -27.72
CA TYR B 236 -1.28 -4.84 -26.35
C TYR B 236 -0.05 -4.43 -25.53
N ASP B 237 -0.14 -4.58 -24.22
CA ASP B 237 0.89 -4.07 -23.28
C ASP B 237 2.03 -5.08 -23.10
N ALA B 238 1.98 -6.21 -23.80
CA ALA B 238 3.03 -7.25 -23.74
C ALA B 238 2.88 -8.12 -24.98
N ASP B 239 3.96 -8.77 -25.34
CA ASP B 239 3.90 -9.77 -26.41
C ASP B 239 3.08 -10.97 -25.93
N CYS B 240 2.40 -11.59 -26.87
CA CYS B 240 1.72 -12.89 -26.64
C CYS B 240 2.77 -13.90 -26.21
N MET B 241 2.48 -14.63 -25.15
CA MET B 241 3.44 -15.61 -24.58
C MET B 241 3.55 -16.80 -25.53
N LEU B 242 4.74 -17.38 -25.60
CA LEU B 242 5.01 -18.52 -26.52
C LEU B 242 5.58 -19.67 -25.72
N PHE B 243 4.98 -20.84 -25.91
CA PHE B 243 5.50 -22.14 -25.46
C PHE B 243 6.02 -22.87 -26.70
N GLY B 244 7.24 -23.40 -26.64
CA GLY B 244 7.76 -24.32 -27.66
C GLY B 244 8.35 -23.60 -28.86
N ALA B 245 8.92 -22.40 -28.69
CA ALA B 245 9.44 -21.59 -29.81
C ALA B 245 10.92 -21.28 -29.58
N GLU B 246 11.71 -22.26 -29.15
CA GLU B 246 13.20 -22.10 -29.12
C GLU B 246 13.53 -20.84 -28.30
N ALA B 247 14.40 -19.94 -28.79
CA ALA B 247 14.80 -18.77 -27.96
C ALA B 247 13.72 -17.70 -27.93
N TYR B 248 12.58 -17.88 -28.60
CA TYR B 248 11.41 -16.97 -28.46
C TYR B 248 10.59 -17.38 -27.22
N THR B 249 10.90 -18.51 -26.60
CA THR B 249 10.04 -19.09 -25.52
C THR B 249 9.95 -18.15 -24.32
N THR B 250 8.71 -17.86 -23.91
CA THR B 250 8.43 -17.05 -22.71
C THR B 250 7.62 -17.84 -21.67
N VAL B 251 7.11 -19.01 -22.04
CA VAL B 251 6.48 -19.97 -21.10
C VAL B 251 7.18 -21.29 -21.34
N ARG B 252 7.88 -21.81 -20.33
CA ARG B 252 8.66 -23.06 -20.53
C ARG B 252 7.87 -24.26 -20.04
N TRP B 253 8.16 -25.40 -20.62
CA TRP B 253 7.65 -26.68 -20.11
C TRP B 253 8.34 -27.01 -18.79
N ILE B 254 7.58 -27.42 -17.78
CA ILE B 254 8.21 -27.83 -16.49
C ILE B 254 9.06 -29.09 -16.63
N GLY B 255 8.94 -29.86 -17.70
CA GLY B 255 9.86 -30.97 -17.99
C GLY B 255 9.26 -32.32 -17.65
N ASN B 256 8.01 -32.36 -17.20
CA ASN B 256 7.23 -33.60 -16.98
C ASN B 256 5.78 -33.27 -17.28
N GLU B 257 4.94 -34.29 -17.43
CA GLU B 257 3.49 -34.14 -17.68
C GLU B 257 2.72 -34.56 -16.42
N LEU B 258 3.29 -34.42 -15.23
CA LEU B 258 2.67 -34.91 -13.98
C LEU B 258 2.22 -33.75 -13.09
N GLY B 259 2.49 -32.51 -13.48
CA GLY B 259 2.10 -31.33 -12.67
C GLY B 259 3.08 -31.07 -11.55
N ILE B 260 4.34 -31.45 -11.72
CA ILE B 260 5.37 -31.40 -10.64
C ILE B 260 6.44 -30.38 -11.03
N ALA B 261 6.62 -29.34 -10.23
CA ALA B 261 7.81 -28.46 -10.33
C ALA B 261 8.82 -28.83 -9.24
N GLY B 262 10.09 -28.64 -9.55
CA GLY B 262 11.17 -28.77 -8.56
C GLY B 262 10.93 -27.90 -7.34
N LYS B 263 11.35 -28.34 -6.17
CA LYS B 263 11.12 -27.58 -4.91
C LYS B 263 11.68 -26.16 -5.04
N ASP B 264 12.83 -25.99 -5.69
CA ASP B 264 13.47 -24.65 -5.86
C ASP B 264 13.46 -24.27 -7.34
N THR B 265 12.41 -23.61 -7.78
CA THR B 265 12.16 -23.30 -9.19
C THR B 265 12.39 -21.80 -9.43
N TRP B 266 13.25 -21.49 -10.39
CA TRP B 266 13.50 -20.12 -10.89
C TRP B 266 12.70 -19.89 -12.18
N SER B 267 12.06 -18.74 -12.29
CA SER B 267 11.35 -18.33 -13.53
C SER B 267 12.31 -17.78 -14.59
N LYS B 268 13.53 -18.34 -14.71
CA LYS B 268 14.49 -17.80 -15.69
C LYS B 268 15.24 -18.95 -16.36
N SER B 269 15.48 -18.75 -17.65
CA SER B 269 16.21 -19.69 -18.53
C SER B 269 17.45 -18.98 -19.10
N LYS B 270 18.32 -19.75 -19.74
CA LYS B 270 19.44 -19.21 -20.53
C LYS B 270 19.09 -19.39 -22.01
N VAL B 271 19.07 -18.32 -22.78
CA VAL B 271 18.71 -18.39 -24.22
C VAL B 271 19.86 -17.85 -25.06
N ASP B 272 19.94 -18.33 -26.30
CA ASP B 272 20.93 -17.87 -27.29
C ASP B 272 20.12 -17.53 -28.54
N LYS B 273 19.89 -16.24 -28.79
CA LYS B 273 19.05 -15.73 -29.90
C LYS B 273 19.73 -16.03 -31.24
N ASP B 274 21.06 -16.13 -31.25
CA ASP B 274 21.85 -16.35 -32.50
C ASP B 274 21.77 -17.83 -32.87
N LYS B 275 21.91 -18.73 -31.89
CA LYS B 275 21.89 -20.21 -32.09
C LYS B 275 20.47 -20.77 -31.94
N ASN B 276 19.51 -19.96 -31.49
CA ASN B 276 18.09 -20.38 -31.37
C ASN B 276 17.97 -21.54 -30.39
N THR B 277 18.58 -21.39 -29.23
CA THR B 277 18.53 -22.41 -28.16
C THR B 277 18.00 -21.82 -26.87
N ILE B 278 17.48 -22.71 -26.04
CA ILE B 278 17.02 -22.39 -24.67
C ILE B 278 17.42 -23.52 -23.74
N ASN B 279 18.01 -23.18 -22.60
CA ASN B 279 18.39 -24.12 -21.52
C ASN B 279 17.62 -23.68 -20.28
N SER B 280 16.82 -24.57 -19.71
CA SER B 280 16.01 -24.29 -18.50
C SER B 280 16.44 -25.15 -17.32
N ASN B 281 17.63 -25.74 -17.37
CA ASN B 281 18.24 -26.46 -16.22
C ASN B 281 17.37 -27.65 -15.78
N LYS B 282 17.33 -28.68 -16.61
CA LYS B 282 16.69 -29.95 -16.27
C LYS B 282 17.46 -30.60 -15.11
N GLN B 283 16.78 -30.86 -14.01
CA GLN B 283 17.30 -31.55 -12.81
C GLN B 283 16.25 -32.59 -12.38
N GLY B 284 16.61 -33.87 -12.35
CA GLY B 284 15.62 -34.95 -12.20
C GLY B 284 14.53 -34.80 -13.23
N ASN B 285 13.26 -34.70 -12.80
CA ASN B 285 12.10 -34.70 -13.74
C ASN B 285 11.59 -33.28 -14.00
N ALA B 286 12.33 -32.21 -13.66
CA ALA B 286 11.78 -30.84 -13.80
C ALA B 286 12.85 -29.86 -14.28
N THR B 287 12.40 -28.79 -14.93
CA THR B 287 13.27 -27.65 -15.31
C THR B 287 13.24 -26.65 -14.16
N VAL B 288 14.36 -26.48 -13.48
CA VAL B 288 14.38 -25.65 -12.24
C VAL B 288 14.87 -24.24 -12.56
N GLY B 289 15.30 -23.98 -13.80
CA GLY B 289 15.74 -22.65 -14.20
C GLY B 289 17.07 -22.28 -13.58
N PHE B 290 17.45 -21.03 -13.74
CA PHE B 290 18.77 -20.52 -13.30
C PHE B 290 18.58 -19.23 -12.54
N GLU B 291 19.24 -19.14 -11.38
CA GLU B 291 19.34 -17.89 -10.60
C GLU B 291 19.87 -16.77 -11.50
N ASP B 292 20.81 -17.08 -12.40
CA ASP B 292 21.44 -16.07 -13.30
C ASP B 292 20.89 -16.18 -14.72
N GLY B 293 19.68 -16.73 -14.92
CA GLY B 293 19.12 -16.86 -16.27
C GLY B 293 18.95 -15.50 -16.92
N ASP B 294 19.02 -15.42 -18.23
CA ASP B 294 18.97 -14.13 -18.96
C ASP B 294 17.61 -13.87 -19.60
N GLN B 295 16.64 -14.77 -19.44
N GLN B 295 16.64 -14.80 -19.52
CA GLN B 295 15.30 -14.65 -20.05
CA GLN B 295 15.27 -14.61 -20.11
C GLN B 295 14.27 -15.14 -19.03
C GLN B 295 14.23 -15.16 -19.12
N TRP B 296 13.27 -14.32 -18.74
CA TRP B 296 12.14 -14.79 -17.90
C TRP B 296 11.38 -15.86 -18.69
N THR B 297 11.14 -17.00 -18.07
CA THR B 297 10.24 -18.05 -18.59
C THR B 297 9.31 -18.45 -17.47
N VAL B 298 8.01 -18.37 -17.73
CA VAL B 298 7.01 -18.85 -16.75
C VAL B 298 7.13 -20.36 -16.69
N PRO B 299 7.35 -20.98 -15.50
CA PRO B 299 7.40 -22.44 -15.40
C PRO B 299 5.97 -22.97 -15.44
N GLU B 300 5.60 -23.67 -16.53
CA GLU B 300 4.22 -24.13 -16.73
C GLU B 300 4.14 -25.64 -16.59
N ALA B 301 3.45 -26.10 -15.55
CA ALA B 301 3.28 -27.54 -15.30
C ALA B 301 1.94 -28.00 -15.88
N ASP B 302 1.99 -28.60 -17.06
CA ASP B 302 0.77 -29.13 -17.73
C ASP B 302 0.43 -30.50 -17.16
N ALA B 303 -0.85 -30.77 -16.91
CA ALA B 303 -1.25 -32.04 -16.29
C ALA B 303 -2.67 -32.39 -16.73
N ARG B 304 -3.04 -33.64 -16.51
CA ARG B 304 -4.31 -34.25 -16.94
C ARG B 304 -5.19 -34.48 -15.74
N ILE B 305 -6.45 -34.07 -15.78
CA ILE B 305 -7.38 -34.40 -14.67
C ILE B 305 -7.83 -35.86 -14.78
N THR B 306 -7.71 -36.47 -15.95
CA THR B 306 -8.00 -37.89 -16.23
C THR B 306 -6.69 -38.57 -16.65
N SER B 307 -6.72 -39.81 -17.10
CA SER B 307 -5.44 -40.52 -17.37
C SER B 307 -4.84 -40.08 -18.71
N GLY B 308 -5.64 -39.56 -19.62
CA GLY B 308 -5.14 -39.07 -20.94
C GLY B 308 -5.41 -37.61 -21.10
N TRP B 309 -4.93 -37.04 -22.20
CA TRP B 309 -5.31 -35.66 -22.60
C TRP B 309 -6.71 -35.65 -23.21
N PHE B 310 -7.10 -36.69 -23.93
CA PHE B 310 -8.42 -36.77 -24.56
C PHE B 310 -9.34 -37.60 -23.68
N TRP B 311 -10.60 -37.23 -23.62
CA TRP B 311 -11.65 -38.07 -23.00
C TRP B 311 -11.74 -39.39 -23.77
N GLY B 312 -12.07 -40.46 -23.06
CA GLY B 312 -12.46 -41.73 -23.67
C GLY B 312 -13.16 -42.61 -22.66
N THR B 313 -13.79 -43.68 -23.12
CA THR B 313 -14.61 -44.54 -22.24
C THR B 313 -13.75 -45.26 -21.19
N LYS B 314 -12.45 -45.43 -21.42
CA LYS B 314 -11.54 -46.14 -20.47
C LYS B 314 -10.59 -45.16 -19.77
N LYS B 315 -10.86 -43.84 -19.87
CA LYS B 315 -9.96 -42.80 -19.34
C LYS B 315 -10.81 -41.57 -18.98
N ASN B 316 -11.88 -41.81 -18.23
CA ASN B 316 -12.80 -40.70 -17.85
C ASN B 316 -12.92 -40.59 -16.33
N THR B 317 -12.20 -41.36 -15.55
CA THR B 317 -12.25 -41.23 -14.08
C THR B 317 -11.34 -40.07 -13.67
N PRO B 318 -11.85 -39.00 -13.03
CA PRO B 318 -10.97 -37.90 -12.66
C PRO B 318 -10.09 -38.30 -11.46
N LYS B 319 -8.94 -37.64 -11.40
CA LYS B 319 -8.01 -37.80 -10.26
C LYS B 319 -8.72 -37.43 -8.96
N THR B 320 -8.28 -38.05 -7.87
CA THR B 320 -8.85 -37.80 -6.54
C THR B 320 -8.42 -36.42 -6.01
N MET B 321 -9.09 -35.93 -4.97
CA MET B 321 -8.64 -34.70 -4.30
C MET B 321 -7.23 -34.89 -3.71
N GLU B 322 -6.86 -36.09 -3.27
CA GLU B 322 -5.48 -36.28 -2.75
C GLU B 322 -4.47 -36.03 -3.88
N GLU B 323 -4.72 -36.60 -5.05
CA GLU B 323 -3.82 -36.41 -6.21
C GLU B 323 -3.81 -34.94 -6.65
N LEU B 324 -4.97 -34.27 -6.70
CA LEU B 324 -5.01 -32.88 -7.22
C LEU B 324 -4.44 -31.93 -6.16
N SER B 325 -4.62 -32.20 -4.87
CA SER B 325 -4.01 -31.35 -3.80
C SER B 325 -2.48 -31.50 -3.88
N ASP B 326 -1.99 -32.72 -4.04
CA ASP B 326 -0.52 -32.90 -4.18
C ASP B 326 -0.03 -32.11 -5.40
N MET B 327 -0.76 -32.17 -6.50
CA MET B 327 -0.40 -31.45 -7.74
C MET B 327 -0.34 -29.95 -7.47
N TYR B 328 -1.36 -29.41 -6.80
CA TYR B 328 -1.43 -27.96 -6.50
C TYR B 328 -0.21 -27.53 -5.69
N PHE B 329 0.09 -28.24 -4.61
CA PHE B 329 1.18 -27.82 -3.71
C PHE B 329 2.53 -27.98 -4.42
N ASN B 330 2.65 -28.91 -5.35
CA ASN B 330 3.96 -29.19 -6.01
C ASN B 330 4.12 -28.38 -7.29
N SER B 331 3.14 -27.56 -7.67
CA SER B 331 3.20 -26.71 -8.86
C SER B 331 3.06 -25.24 -8.44
N VAL B 332 1.83 -24.84 -8.14
CA VAL B 332 1.54 -23.48 -7.63
C VAL B 332 2.42 -23.19 -6.38
N GLY B 333 2.62 -24.16 -5.51
CA GLY B 333 3.43 -23.94 -4.29
C GLY B 333 4.92 -23.87 -4.54
N HIS B 334 5.36 -24.12 -5.78
CA HIS B 334 6.79 -24.17 -6.17
C HIS B 334 7.05 -23.18 -7.31
N ASN B 335 6.38 -22.03 -7.33
CA ASN B 335 6.65 -20.98 -8.34
C ASN B 335 6.42 -21.51 -9.76
N ALA B 336 5.41 -22.36 -9.97
CA ALA B 336 4.99 -22.79 -11.32
C ALA B 336 3.50 -22.51 -11.47
N THR B 337 3.03 -22.38 -12.69
CA THR B 337 1.58 -22.39 -12.97
C THR B 337 1.16 -23.84 -13.19
N LEU B 338 -0.12 -24.09 -12.88
CA LEU B 338 -0.73 -25.41 -13.14
C LEU B 338 -1.67 -25.23 -14.32
N LEU B 339 -1.41 -25.97 -15.39
CA LEU B 339 -2.23 -25.98 -16.61
C LEU B 339 -2.93 -27.32 -16.67
N LEU B 340 -4.15 -27.39 -16.14
CA LEU B 340 -4.86 -28.65 -15.88
C LEU B 340 -5.85 -28.89 -17.02
N ASN B 341 -5.70 -30.03 -17.68
CA ASN B 341 -6.59 -30.40 -18.80
C ASN B 341 -7.92 -30.97 -18.28
N VAL B 342 -9.00 -30.46 -18.86
CA VAL B 342 -10.38 -30.92 -18.57
C VAL B 342 -11.02 -31.25 -19.91
N PRO B 343 -11.06 -32.53 -20.30
CA PRO B 343 -11.43 -32.89 -21.66
C PRO B 343 -12.92 -33.07 -21.87
N PRO B 344 -13.51 -32.42 -22.90
CA PRO B 344 -14.89 -32.71 -23.27
C PRO B 344 -15.04 -34.12 -23.86
N ASN B 345 -16.25 -34.65 -23.78
CA ASN B 345 -16.58 -36.03 -24.20
C ASN B 345 -17.15 -36.03 -25.64
N ASN B 346 -17.52 -37.21 -26.11
CA ASN B 346 -18.04 -37.41 -27.49
C ASN B 346 -19.47 -36.89 -27.63
N GLN B 347 -20.08 -36.36 -26.57
CA GLN B 347 -21.40 -35.71 -26.64
C GLN B 347 -21.24 -34.20 -26.72
N GLY B 348 -20.00 -33.68 -26.63
CA GLY B 348 -19.72 -32.23 -26.69
C GLY B 348 -19.94 -31.54 -25.37
N THR B 349 -20.10 -32.29 -24.31
CA THR B 349 -20.17 -31.72 -22.94
C THR B 349 -18.95 -32.25 -22.17
N VAL B 350 -18.96 -32.08 -20.87
CA VAL B 350 -17.93 -32.67 -19.99
C VAL B 350 -18.66 -33.59 -19.03
N ASP B 351 -18.13 -34.78 -18.83
CA ASP B 351 -18.79 -35.75 -17.90
C ASP B 351 -19.06 -35.07 -16.58
N LYS B 352 -20.22 -35.32 -16.00
CA LYS B 352 -20.60 -34.74 -14.70
C LYS B 352 -19.53 -35.05 -13.62
N ALA B 353 -18.96 -36.24 -13.58
CA ALA B 353 -17.96 -36.60 -12.54
C ALA B 353 -16.72 -35.71 -12.69
N ILE B 354 -16.38 -35.36 -13.91
CA ILE B 354 -15.18 -34.52 -14.17
C ILE B 354 -15.53 -33.08 -13.77
N LEU B 355 -16.67 -32.55 -14.20
CA LEU B 355 -17.08 -31.18 -13.83
C LEU B 355 -17.15 -31.09 -12.29
N ASP B 356 -17.69 -32.11 -11.64
CA ASP B 356 -17.87 -32.07 -10.18
C ASP B 356 -16.50 -32.05 -9.51
N ARG B 357 -15.52 -32.78 -10.02
CA ARG B 357 -14.17 -32.79 -9.42
C ARG B 357 -13.49 -31.46 -9.65
N VAL B 358 -13.67 -30.84 -10.81
CA VAL B 358 -13.13 -29.46 -11.04
C VAL B 358 -13.72 -28.54 -9.99
N THR B 359 -15.02 -28.57 -9.81
CA THR B 359 -15.72 -27.65 -8.88
C THR B 359 -15.22 -27.93 -7.45
N GLU B 360 -15.06 -29.19 -7.10
CA GLU B 360 -14.59 -29.60 -5.74
C GLU B 360 -13.17 -29.09 -5.54
N PHE B 361 -12.31 -29.23 -6.53
CA PHE B 361 -10.91 -28.77 -6.47
C PHE B 361 -10.90 -27.27 -6.22
N GLY B 362 -11.64 -26.53 -7.05
CA GLY B 362 -11.74 -25.06 -6.89
C GLY B 362 -12.24 -24.67 -5.51
N ASN B 363 -13.28 -25.35 -5.04
CA ASN B 363 -13.90 -25.01 -3.73
C ASN B 363 -12.88 -25.27 -2.60
N ASN B 364 -12.10 -26.34 -2.70
CA ASN B 364 -11.11 -26.69 -1.67
C ASN B 364 -10.01 -25.62 -1.66
N ILE B 365 -9.58 -25.17 -2.83
CA ILE B 365 -8.52 -24.12 -2.87
C ILE B 365 -9.09 -22.86 -2.21
N LYS B 366 -10.28 -22.44 -2.61
CA LYS B 366 -10.88 -21.19 -2.07
C LYS B 366 -11.00 -21.32 -0.55
N ALA B 367 -11.49 -22.43 -0.05
CA ALA B 367 -11.77 -22.59 1.40
C ALA B 367 -10.43 -22.65 2.16
N THR B 368 -9.43 -23.31 1.58
CA THR B 368 -8.09 -23.40 2.20
C THR B 368 -7.51 -22.01 2.42
N PHE B 369 -7.63 -21.12 1.43
CA PHE B 369 -6.98 -19.79 1.47
C PHE B 369 -7.96 -18.68 1.87
N LYS B 370 -9.14 -19.02 2.38
CA LYS B 370 -10.16 -18.03 2.75
C LYS B 370 -9.67 -17.16 3.92
N THR B 371 -9.10 -17.76 4.95
CA THR B 371 -8.89 -17.09 6.26
C THR B 371 -7.38 -17.02 6.56
N ASN B 372 -6.79 -15.86 6.29
CA ASN B 372 -5.34 -15.63 6.52
C ASN B 372 -5.17 -15.38 8.01
N LEU B 373 -4.58 -16.34 8.73
CA LEU B 373 -4.45 -16.26 10.20
C LEU B 373 -3.49 -15.13 10.59
N ALA B 374 -2.65 -14.66 9.65
CA ALA B 374 -1.74 -13.54 9.91
C ALA B 374 -2.51 -12.23 10.01
N LYS B 375 -3.79 -12.17 9.60
CA LYS B 375 -4.56 -10.89 9.74
C LYS B 375 -5.83 -11.13 10.52
N ALA B 376 -5.88 -12.20 11.32
CA ALA B 376 -6.99 -12.45 12.25
C ALA B 376 -6.95 -11.43 13.38
N GLU B 377 -8.08 -11.28 14.08
CA GLU B 377 -8.15 -10.45 15.30
C GLU B 377 -7.04 -10.91 16.26
N GLY B 378 -6.23 -9.97 16.74
CA GLY B 378 -5.17 -10.24 17.74
C GLY B 378 -3.86 -10.66 17.09
N ALA B 379 -3.85 -10.93 15.78
CA ALA B 379 -2.62 -11.30 15.06
C ALA B 379 -1.86 -10.04 14.65
N SER B 380 -0.56 -10.16 14.43
CA SER B 380 0.29 -9.05 13.97
C SER B 380 1.41 -9.58 13.10
N VAL B 381 1.85 -8.75 12.18
CA VAL B 381 3.01 -9.02 11.31
C VAL B 381 4.01 -7.89 11.54
N LYS B 382 5.22 -8.27 11.95
CA LYS B 382 6.34 -7.34 12.21
C LYS B 382 7.58 -7.85 11.50
N VAL B 383 8.59 -7.00 11.38
CA VAL B 383 9.83 -7.33 10.64
C VAL B 383 11.05 -6.90 11.45
N SER B 384 12.20 -7.47 11.11
CA SER B 384 13.47 -7.11 11.77
C SER B 384 13.92 -5.71 11.37
N GLU B 385 13.50 -5.22 10.20
CA GLU B 385 13.96 -3.93 9.66
C GLU B 385 13.02 -3.51 8.54
N VAL B 386 12.73 -2.22 8.42
CA VAL B 386 11.94 -1.63 7.31
C VAL B 386 12.85 -0.73 6.47
N ARG B 387 12.86 -0.94 5.16
CA ARG B 387 13.60 -0.08 4.20
C ARG B 387 13.40 1.40 4.51
N GLY B 388 14.49 2.10 4.85
CA GLY B 388 14.51 3.53 5.18
C GLY B 388 13.65 3.92 6.37
N GLY B 389 13.11 2.98 7.14
CA GLY B 389 12.04 3.29 8.12
C GLY B 389 10.84 3.94 7.43
N ALA B 390 10.60 3.61 6.17
CA ALA B 390 9.62 4.31 5.31
C ALA B 390 8.28 3.59 5.29
N LYS B 391 7.18 4.34 5.46
CA LYS B 391 5.81 3.78 5.47
C LYS B 391 5.56 2.97 4.19
N GLU B 392 6.17 3.38 3.07
CA GLU B 392 5.96 2.70 1.76
C GLU B 392 6.38 1.22 1.82
N TYR B 393 7.26 0.82 2.76
CA TYR B 393 7.78 -0.57 2.82
C TYR B 393 7.36 -1.25 4.12
N LYS B 394 6.26 -0.80 4.71
CA LYS B 394 5.78 -1.29 6.01
C LYS B 394 5.41 -2.77 5.93
N PRO B 395 5.52 -3.50 7.07
CA PRO B 395 5.19 -4.92 7.07
C PRO B 395 3.73 -5.24 6.74
N GLY B 396 2.81 -4.31 7.04
CA GLY B 396 1.39 -4.51 6.71
C GLY B 396 1.18 -4.65 5.20
N ASN B 397 2.16 -4.21 4.39
CA ASN B 397 2.11 -4.41 2.92
C ASN B 397 2.07 -5.90 2.58
N MET B 398 2.45 -6.79 3.51
CA MET B 398 2.47 -8.23 3.20
C MET B 398 1.11 -8.88 3.46
N ILE B 399 0.11 -8.14 3.95
CA ILE B 399 -1.20 -8.77 4.27
C ILE B 399 -2.33 -7.87 3.74
N ASP B 400 -2.12 -7.20 2.62
CA ASP B 400 -3.15 -6.29 2.05
C ASP B 400 -3.73 -6.86 0.75
N ASP B 401 -3.35 -8.05 0.32
CA ASP B 401 -3.90 -8.69 -0.91
C ASP B 401 -3.69 -7.77 -2.12
N ASN B 402 -2.58 -7.05 -2.12
CA ASN B 402 -2.17 -6.15 -3.23
C ASN B 402 -0.75 -6.55 -3.64
N ASP B 403 -0.61 -7.12 -4.83
CA ASP B 403 0.69 -7.64 -5.28
C ASP B 403 1.67 -6.50 -5.54
N GLU B 404 1.20 -5.26 -5.67
CA GLU B 404 2.09 -4.12 -5.99
C GLU B 404 2.69 -3.53 -4.72
N THR B 405 2.17 -3.85 -3.54
CA THR B 405 2.73 -3.33 -2.27
C THR B 405 3.60 -4.42 -1.63
N TYR B 406 4.77 -4.05 -1.15
CA TYR B 406 5.69 -5.06 -0.56
C TYR B 406 6.46 -4.44 0.60
N TRP B 407 6.96 -5.35 1.44
CA TRP B 407 8.01 -5.06 2.44
C TRP B 407 9.37 -5.31 1.79
N ALA B 408 10.35 -4.51 2.20
CA ALA B 408 11.76 -4.69 1.82
C ALA B 408 12.62 -4.10 2.92
N THR B 409 13.90 -4.41 2.87
CA THR B 409 14.93 -3.90 3.79
C THR B 409 15.70 -2.76 3.12
N SER B 410 16.45 -2.03 3.93
CA SER B 410 17.31 -0.92 3.47
C SER B 410 18.45 -1.45 2.61
N ASP B 411 18.98 -0.59 1.75
CA ASP B 411 20.21 -0.89 0.98
C ASP B 411 21.26 -1.42 1.96
N GLY B 412 21.96 -2.47 1.54
CA GLY B 412 23.04 -3.07 2.34
C GLY B 412 22.57 -4.18 3.24
N LYS B 413 21.26 -4.39 3.36
CA LYS B 413 20.69 -5.47 4.19
C LYS B 413 20.08 -6.54 3.28
N LYS B 414 20.82 -7.61 3.01
CA LYS B 414 20.41 -8.61 1.99
C LYS B 414 19.47 -9.65 2.59
N SER B 415 19.23 -9.65 3.90
CA SER B 415 18.35 -10.65 4.55
C SER B 415 17.47 -9.94 5.58
N GLY B 416 16.25 -10.42 5.76
CA GLY B 416 15.36 -9.91 6.81
C GLY B 416 14.53 -11.01 7.40
N GLU B 417 13.92 -10.74 8.54
CA GLU B 417 13.03 -11.68 9.25
C GLU B 417 11.65 -11.05 9.37
N ILE B 418 10.64 -11.90 9.26
CA ILE B 418 9.22 -11.55 9.44
C ILE B 418 8.70 -12.34 10.63
N LEU B 419 8.13 -11.67 11.62
CA LEU B 419 7.50 -12.33 12.79
C LEU B 419 5.99 -12.22 12.64
N ILE B 420 5.35 -13.35 12.45
CA ILE B 420 3.86 -13.45 12.47
C ILE B 420 3.46 -13.91 13.86
N ASP B 421 2.79 -13.05 14.62
CA ASP B 421 2.21 -13.44 15.91
C ASP B 421 0.74 -13.72 15.65
N LEU B 422 0.31 -14.96 15.84
CA LEU B 422 -1.07 -15.39 15.53
C LEU B 422 -2.02 -14.95 16.63
N GLY B 423 -1.49 -14.47 17.75
CA GLY B 423 -2.26 -13.78 18.80
C GLY B 423 -2.81 -14.74 19.83
N LYS B 424 -2.66 -16.04 19.61
CA LYS B 424 -3.01 -17.14 20.55
C LYS B 424 -2.49 -18.44 19.94
N GLU B 425 -2.54 -19.54 20.67
CA GLU B 425 -2.17 -20.87 20.13
C GLU B 425 -3.16 -21.19 19.01
N THR B 426 -2.64 -21.46 17.82
CA THR B 426 -3.42 -21.49 16.57
C THR B 426 -3.01 -22.73 15.78
N LYS B 427 -3.99 -23.47 15.25
CA LYS B 427 -3.77 -24.61 14.34
C LYS B 427 -3.56 -24.09 12.92
N PHE B 428 -2.52 -24.57 12.25
CA PHE B 428 -2.25 -24.21 10.85
C PHE B 428 -1.49 -25.36 10.18
N ASP B 429 -1.45 -25.35 8.86
CA ASP B 429 -0.64 -26.34 8.12
C ASP B 429 -0.11 -25.79 6.81
N VAL B 430 -0.34 -24.53 6.48
CA VAL B 430 0.24 -23.93 5.24
C VAL B 430 0.78 -22.55 5.54
N VAL B 431 2.03 -22.31 5.17
CA VAL B 431 2.62 -20.94 5.18
C VAL B 431 2.86 -20.55 3.73
N SER B 432 2.36 -19.38 3.37
CA SER B 432 2.39 -18.83 2.00
C SER B 432 3.33 -17.63 1.97
N ILE B 433 4.21 -17.56 0.97
CA ILE B 433 5.14 -16.41 0.81
C ILE B 433 5.21 -16.06 -0.66
N GLU B 434 5.04 -14.77 -1.00
CA GLU B 434 5.07 -14.32 -2.41
C GLU B 434 6.12 -13.22 -2.55
N GLU B 435 7.11 -13.45 -3.39
CA GLU B 435 8.17 -12.46 -3.69
C GLU B 435 7.62 -11.46 -4.71
N ALA B 436 8.03 -10.20 -4.64
CA ALA B 436 7.52 -9.15 -5.56
C ALA B 436 8.21 -9.31 -6.92
N ILE B 437 7.86 -10.37 -7.65
CA ILE B 437 8.64 -10.79 -8.86
C ILE B 437 8.50 -9.79 -10.00
N GLN B 438 7.58 -8.83 -9.95
CA GLN B 438 7.59 -7.74 -10.94
C GLN B 438 8.95 -7.04 -10.93
N ASN B 439 9.71 -7.13 -9.84
CA ASN B 439 11.02 -6.46 -9.72
C ASN B 439 12.15 -7.49 -9.82
N GLY B 440 11.81 -8.74 -10.13
CA GLY B 440 12.78 -9.82 -10.30
C GLY B 440 12.57 -10.94 -9.30
N GLN B 441 13.06 -12.11 -9.65
CA GLN B 441 13.18 -13.22 -8.70
C GLN B 441 14.63 -13.29 -8.26
N ARG B 442 14.89 -13.04 -6.97
CA ARG B 442 16.28 -12.88 -6.47
C ARG B 442 16.48 -13.57 -5.13
N ILE B 443 15.44 -13.89 -4.38
CA ILE B 443 15.63 -14.55 -3.05
C ILE B 443 16.24 -15.93 -3.29
N ASN B 444 17.33 -16.24 -2.58
CA ASN B 444 18.03 -17.52 -2.77
C ASN B 444 18.19 -18.29 -1.46
N ASN B 445 17.59 -17.81 -0.36
CA ASN B 445 17.47 -18.63 0.85
C ASN B 445 16.21 -18.21 1.59
N TYR B 446 15.48 -19.17 2.12
CA TYR B 446 14.34 -18.89 3.01
C TYR B 446 14.33 -19.95 4.10
N LYS B 447 13.73 -19.58 5.22
CA LYS B 447 13.54 -20.46 6.38
C LYS B 447 12.22 -20.10 7.02
N VAL B 448 11.44 -21.10 7.42
CA VAL B 448 10.16 -20.92 8.14
C VAL B 448 10.27 -21.72 9.42
N GLU B 449 10.02 -21.07 10.55
CA GLU B 449 10.15 -21.67 11.89
C GLU B 449 8.93 -21.28 12.71
N TYR B 450 8.66 -21.99 13.80
CA TYR B 450 7.50 -21.65 14.65
C TYR B 450 7.83 -21.96 16.10
N ARG B 451 7.04 -21.39 16.99
CA ARG B 451 7.14 -21.70 18.42
C ARG B 451 5.82 -21.40 19.13
N ASN B 452 5.69 -21.97 20.31
CA ASN B 452 4.70 -21.58 21.32
C ASN B 452 5.22 -20.33 22.02
N GLY B 453 4.33 -19.51 22.54
CA GLY B 453 4.72 -18.32 23.30
C GLY B 453 5.44 -17.31 22.44
N ASP B 454 6.19 -16.41 23.09
CA ASP B 454 6.83 -15.22 22.50
C ASP B 454 8.31 -15.18 22.85
N SER B 455 8.88 -16.33 23.21
CA SER B 455 10.32 -16.45 23.56
C SER B 455 10.74 -17.90 23.39
N GLY B 456 12.04 -18.12 23.44
CA GLY B 456 12.65 -19.46 23.46
C GLY B 456 12.85 -19.98 22.06
N THR B 457 13.18 -21.24 21.94
CA THR B 457 13.80 -21.79 20.72
C THR B 457 12.73 -22.00 19.66
N TRP B 458 13.17 -21.99 18.41
CA TRP B 458 12.33 -22.12 17.22
C TRP B 458 12.35 -23.57 16.75
N THR B 459 11.23 -24.05 16.24
CA THR B 459 11.10 -25.36 15.55
C THR B 459 11.11 -25.11 14.04
N LEU B 460 11.93 -25.85 13.30
CA LEU B 460 12.03 -25.70 11.84
C LEU B 460 10.79 -26.28 11.19
N LEU B 461 10.13 -25.51 10.33
CA LEU B 461 9.04 -26.02 9.47
C LEU B 461 9.66 -26.41 8.12
N GLU B 462 10.35 -25.48 7.47
CA GLU B 462 10.92 -25.72 6.13
C GLU B 462 12.03 -24.72 5.86
N GLU B 463 13.05 -25.14 5.12
CA GLU B 463 14.08 -24.22 4.60
C GLU B 463 14.36 -24.61 3.16
N GLY B 464 14.73 -23.65 2.35
CA GLY B 464 15.04 -23.88 0.93
C GLY B 464 15.67 -22.67 0.31
N LYS B 465 15.60 -22.58 -1.02
CA LYS B 465 16.31 -21.52 -1.76
C LYS B 465 15.30 -20.47 -2.24
N THR B 466 14.31 -20.83 -3.06
CA THR B 466 13.55 -19.82 -3.84
C THR B 466 12.20 -19.49 -3.20
N ILE B 467 11.71 -18.30 -3.52
CA ILE B 467 10.29 -17.93 -3.24
C ILE B 467 9.60 -17.76 -4.59
N GLY B 468 9.91 -16.71 -5.33
CA GLY B 468 9.28 -16.47 -6.64
C GLY B 468 7.82 -16.06 -6.47
N ALA B 469 6.97 -16.37 -7.45
CA ALA B 469 5.58 -15.87 -7.42
C ALA B 469 4.87 -16.40 -6.17
N LYS B 470 5.13 -17.65 -5.82
CA LYS B 470 4.47 -18.28 -4.66
C LYS B 470 5.29 -19.46 -4.16
N ARG B 471 5.56 -19.43 -2.87
CA ARG B 471 6.08 -20.56 -2.08
C ARG B 471 4.96 -20.98 -1.14
N LEU B 472 4.55 -22.25 -1.20
CA LEU B 472 3.66 -22.82 -0.17
C LEU B 472 4.45 -23.86 0.60
N CYS B 473 4.52 -23.67 1.90
CA CYS B 473 5.11 -24.65 2.83
C CYS B 473 3.96 -25.42 3.49
N ARG B 474 3.71 -26.65 3.04
CA ARG B 474 2.61 -27.49 3.57
C ARG B 474 3.22 -28.49 4.55
N THR B 475 2.64 -28.57 5.73
CA THR B 475 3.10 -29.49 6.79
C THR B 475 1.89 -30.23 7.34
N SER B 476 2.11 -31.07 8.33
CA SER B 476 1.02 -31.73 9.09
C SER B 476 0.42 -30.66 10.02
N GLU B 477 -0.79 -30.88 10.52
CA GLU B 477 -1.44 -29.90 11.41
C GLU B 477 -0.50 -29.57 12.58
N THR B 478 -0.22 -28.29 12.76
CA THR B 478 0.75 -27.76 13.75
C THR B 478 0.04 -26.72 14.60
N THR B 479 0.38 -26.65 15.88
CA THR B 479 -0.13 -25.61 16.79
C THR B 479 1.06 -24.71 17.15
N ALA B 480 0.91 -23.41 16.99
CA ALA B 480 1.97 -22.43 17.33
C ALA B 480 1.33 -21.11 17.70
N ARG B 481 2.09 -20.25 18.35
CA ARG B 481 1.69 -18.85 18.58
C ARG B 481 2.39 -17.95 17.56
N GLN B 482 3.65 -18.26 17.24
CA GLN B 482 4.49 -17.37 16.38
C GLN B 482 5.13 -18.18 15.26
N ILE B 483 5.21 -17.56 14.10
CA ILE B 483 5.93 -18.10 12.92
C ILE B 483 6.95 -17.05 12.50
N LYS B 484 8.20 -17.45 12.29
CA LYS B 484 9.26 -16.53 11.83
C LYS B 484 9.70 -17.00 10.44
N ILE B 485 9.68 -16.07 9.50
CA ILE B 485 10.14 -16.30 8.12
C ILE B 485 11.42 -15.51 7.92
N THR B 486 12.47 -16.17 7.46
CA THR B 486 13.73 -15.50 7.07
C THR B 486 13.81 -15.58 5.54
N VAL B 487 14.10 -14.47 4.88
CA VAL B 487 14.33 -14.43 3.41
C VAL B 487 15.58 -13.61 3.14
N GLY B 488 16.40 -14.10 2.23
CA GLY B 488 17.68 -13.46 1.88
C GLY B 488 17.98 -13.56 0.40
N THR B 489 18.78 -12.63 -0.07
CA THR B 489 19.27 -12.56 -1.47
C THR B 489 20.78 -12.37 -1.44
N CYS B 490 21.36 -12.12 -2.59
CA CYS B 490 22.82 -11.96 -2.72
C CYS B 490 23.27 -10.57 -2.28
N ASP B 491 24.56 -10.44 -2.05
CA ASP B 491 25.19 -9.15 -1.73
C ASP B 491 24.74 -8.10 -2.75
N GLY B 492 24.43 -6.90 -2.26
CA GLY B 492 24.10 -5.74 -3.10
C GLY B 492 22.65 -5.68 -3.54
N LYS B 493 21.81 -6.61 -3.06
CA LYS B 493 20.35 -6.59 -3.32
C LYS B 493 19.59 -6.72 -2.01
N VAL B 494 18.31 -6.38 -2.04
CA VAL B 494 17.41 -6.53 -0.86
C VAL B 494 16.22 -7.40 -1.28
N PRO B 495 15.66 -8.17 -0.33
CA PRO B 495 14.48 -8.96 -0.62
C PRO B 495 13.23 -8.08 -0.65
N MET B 496 12.26 -8.51 -1.47
CA MET B 496 10.96 -7.82 -1.60
C MET B 496 9.85 -8.85 -1.48
N ILE B 497 8.99 -8.71 -0.47
CA ILE B 497 7.89 -9.70 -0.23
C ILE B 497 6.58 -8.96 -0.38
N SER B 498 5.76 -9.36 -1.34
CA SER B 498 4.49 -8.66 -1.61
C SER B 498 3.36 -9.21 -0.74
N GLU B 499 3.37 -10.50 -0.40
CA GLU B 499 2.27 -11.09 0.41
C GLU B 499 2.81 -12.27 1.20
N ILE B 500 2.27 -12.46 2.39
CA ILE B 500 2.45 -13.71 3.19
C ILE B 500 1.09 -14.12 3.72
N GLY B 501 1.00 -15.37 4.12
CA GLY B 501 -0.21 -15.86 4.80
C GLY B 501 0.07 -17.13 5.57
N VAL B 502 -0.83 -17.40 6.52
CA VAL B 502 -0.83 -18.64 7.31
C VAL B 502 -2.25 -19.20 7.27
N TYR B 503 -2.40 -20.48 6.95
CA TYR B 503 -3.73 -21.07 6.71
C TYR B 503 -3.82 -22.44 7.34
N LYS B 504 -5.06 -22.80 7.65
CA LYS B 504 -5.44 -24.20 7.95
C LYS B 504 -6.22 -24.68 6.73
N SER B 505 -5.68 -25.68 6.04
CA SER B 505 -6.28 -26.23 4.81
C SER B 505 -7.58 -26.98 5.15
N THR B 506 -8.41 -27.17 4.13
CA THR B 506 -9.57 -28.09 4.19
C THR B 506 -9.07 -29.51 4.41
N GLU B 507 -9.98 -30.38 4.84
CA GLU B 507 -9.67 -31.80 5.10
C GLU B 507 -9.06 -32.43 3.85
N ASP B 508 -9.60 -32.15 2.67
CA ASP B 508 -9.15 -32.83 1.43
C ASP B 508 -7.90 -32.18 0.83
N MET B 509 -7.40 -31.10 1.42
N MET B 509 -7.38 -31.12 1.42
CA MET B 509 -6.11 -30.49 1.00
CA MET B 509 -6.09 -30.49 1.00
C MET B 509 -5.00 -30.76 2.02
C MET B 509 -5.00 -30.70 2.07
N GLU B 510 -5.30 -31.43 3.13
CA GLU B 510 -4.29 -31.78 4.17
C GLU B 510 -3.23 -32.75 3.61
N LYS B 511 -2.00 -32.59 4.09
CA LYS B 511 -0.86 -33.45 3.71
C LYS B 511 -1.21 -34.88 4.11
N PRO B 512 -1.04 -35.87 3.21
CA PRO B 512 -1.41 -37.25 3.49
C PRO B 512 -0.79 -37.77 4.80
C1 FUL C . -4.26 30.29 27.53
C2 FUL C . -4.23 30.25 29.05
O2 FUL C . -4.87 31.42 29.64
C3 FUL C . -4.89 28.99 29.57
O3 FUL C . -4.78 28.96 31.00
C4 FUL C . -4.23 27.77 28.95
O4 FUL C . -2.86 27.67 29.41
C5 FUL C . -4.29 27.89 27.43
C6 FUL C . -3.53 26.78 26.70
O5 FUL C . -3.70 29.10 26.97
O1 FUL C . -3.49 31.43 27.11
C1 FUC D . -4.16 30.36 27.69
C2 FUC D . -4.27 30.26 29.19
C3 FUC D . -4.92 28.96 29.60
C4 FUC D . -4.17 27.82 28.95
C5 FUC D . -4.16 28.06 27.45
C6 FUC D . -3.53 26.93 26.67
O1 FUC D . -5.52 30.47 27.24
O2 FUC D . -5.06 31.38 29.66
O3 FUC D . -4.94 28.87 31.04
O4 FUC D . -2.81 27.79 29.43
O5 FUC D . -3.41 29.25 27.21
MG MG E . 15.57 29.58 41.51
MG MG F . 1.26 11.14 6.97
MG MG G . 10.67 11.34 37.38
CA CA H . 2.71 10.32 -2.56
CA CA I . 9.10 46.29 35.58
CA CA J . 18.63 24.20 23.25
CL CL K . -11.22 27.70 37.96
CL CL L . 3.33 20.53 -18.12
C1 FUC M . 2.14 -32.91 -26.29
C2 FUC M . 1.25 -33.83 -27.08
C3 FUC M . 0.21 -34.45 -26.20
C4 FUC M . -0.54 -33.34 -25.50
C5 FUC M . 0.43 -32.46 -24.74
C6 FUC M . -0.24 -31.32 -23.98
O1 FUC M . 2.90 -33.67 -25.42
O2 FUC M . 2.04 -34.86 -27.70
O3 FUC M . -0.66 -35.25 -27.01
O4 FUC M . -1.27 -32.56 -26.46
O5 FUC M . 1.34 -31.89 -25.66
MG MG N . -11.99 -25.80 -44.58
MG MG O . -22.50 -24.70 -28.53
CA CA P . 6.21 -29.48 -47.95
CA CA Q . 1.05 -6.47 -0.70
CA CA R . -6.91 -11.58 -32.59
CL CL S . 17.42 2.26 1.65
CL CL T . -3.54 -44.29 -26.68
#